data_4LSV
#
_entry.id   4LSV
#
_cell.length_a   191.615
_cell.length_b   191.615
_cell.length_c   103.950
_cell.angle_alpha   90.00
_cell.angle_beta   90.00
_cell.angle_gamma   90.00
#
_symmetry.space_group_name_H-M   'I 4 2 2'
#
loop_
_entity.id
_entity.type
_entity.pdbx_description
1 polymer 'envelope glycoprotein GP120'
2 polymer 'HEAVY CHAIN OF ANTIBODY 3BNC117'
3 polymer 'LIGHT CHAIN OF ANTIBODY 3BNC117'
4 non-polymer 2-acetamido-2-deoxy-beta-D-glucopyranose
5 non-polymer IMIDAZOLE
6 water water
#
loop_
_entity_poly.entity_id
_entity_poly.type
_entity_poly.pdbx_seq_one_letter_code
_entity_poly.pdbx_strand_id
1 'polypeptide(L)'
;VWKEAKTTLFCASDAKAYEKEVHNVWATHACVPTDPNPQEMVLANVTENFNMWKNDMVEQMHEDIISLWDESLKPCVKLT
GGSAITQACPKVSFDPIPLHYCAPAGFAILKCNNKTFNGTGPCRNVSTVQCTHGIKPVVSTQLLLNGSLAEEEIIIRSEN
LTNNAKTIIVHLNESVNIVCTRPNNGGSGSGGNIRQAHCNINESKWNNTLQKVGEELAKHFPSKTIKFEPSSGGDLEITT
HSFNCRGEFFYCNTSDLFNGTYRNGTYNHTGRSSNGTITLQCKIKQIINMWQEVGRAIYAPPIEGEITCNSNITGLLLLR
DGGQSNETNDTETFRPGGGDMRDNWRSELYKYKVVEIK
;
G
2 'polypeptide(L)'
;QVQLLQSGAAVTKPGASVRVSCEASGYNIRDYFIHWWRQAPGQGLQWVGWINPKTGQPNNPRQFQGRVSLTRHASWDFDT
YSFYMDLKALRSDDTAVYFCARQRSDYWDFDVWGSGTQVTVSSASTKGPSVFPLAPSSKSTSGGTAALGCLVKDYFPEPV
TVSWNSGALTSGVHTFPAVLQSSGLYSLSSVVTVPSSSLGTQTYICNVNHKPSNTKVDKKVEPKSC
;
H
3 'polypeptide(L)'
;DIQMTQSPSSLSASVGDTVTITCQANGYLNWYQQRRGKAPKLLIYDGSKLERGVPSRFSGRRWGQEYNLTINNLQPEDIA
TYFCQVYEFVVPGTRLDLKRTVAAPSVFIFPPSDEQLKSGTASVVCLLNNFYPREAKVQWKVDNALQSGNSQESVTEQDS
KDSTYSLSSTLTLSKADYEKHKVYACEVTHQGLSSPVTKSFNRGEC
;
L
#
# COMPACT_ATOMS: atom_id res chain seq x y z
N VAL A 1 38.06 9.90 23.20
CA VAL A 1 39.06 10.71 22.52
C VAL A 1 38.52 11.18 21.16
N TRP A 2 37.29 10.79 20.85
CA TRP A 2 36.70 11.13 19.56
C TRP A 2 35.18 11.09 19.57
N LYS A 3 34.56 11.78 18.61
CA LYS A 3 33.11 11.81 18.48
C LYS A 3 32.71 11.91 17.02
N GLU A 4 31.44 11.62 16.73
CA GLU A 4 30.93 11.70 15.36
C GLU A 4 30.66 13.14 14.93
N ALA A 5 30.97 13.43 13.67
CA ALA A 5 30.75 14.76 13.11
C ALA A 5 30.64 14.72 11.59
N LYS A 6 30.37 15.87 10.99
CA LYS A 6 30.27 15.97 9.53
C LYS A 6 31.43 16.80 8.99
N THR A 7 31.92 16.43 7.82
CA THR A 7 33.04 17.11 7.20
C THR A 7 32.96 17.04 5.68
N THR A 8 33.46 18.07 5.00
CA THR A 8 33.56 18.06 3.55
C THR A 8 34.76 17.22 3.13
N LEU A 9 34.53 15.92 2.95
CA LEU A 9 35.60 14.99 2.61
C LEU A 9 36.17 15.24 1.23
N PHE A 10 37.45 14.90 1.05
CA PHE A 10 38.09 15.00 -0.26
C PHE A 10 38.43 13.61 -0.77
N CYS A 11 38.42 13.44 -2.08
CA CYS A 11 38.64 12.13 -2.68
C CYS A 11 40.09 11.88 -3.05
N ALA A 12 40.56 10.66 -2.81
CA ALA A 12 41.89 10.24 -3.23
C ALA A 12 41.77 9.35 -4.46
N SER A 13 42.81 9.35 -5.30
CA SER A 13 42.74 8.62 -6.56
C SER A 13 44.09 8.11 -7.04
N ASP A 14 44.05 7.12 -7.94
CA ASP A 14 45.26 6.59 -8.57
C ASP A 14 45.16 6.84 -10.07
N ALA A 15 44.36 7.85 -10.44
CA ALA A 15 44.12 8.17 -11.84
C ALA A 15 45.36 8.78 -12.49
N LYS A 16 45.23 9.14 -13.77
CA LYS A 16 46.33 9.75 -14.51
C LYS A 16 45.81 10.87 -15.42
N ALA A 17 46.58 11.95 -15.51
CA ALA A 17 46.15 13.13 -16.26
C ALA A 17 46.48 13.04 -17.74
N TYR A 18 46.82 11.83 -18.21
CA TYR A 18 47.19 11.64 -19.60
C TYR A 18 46.22 10.74 -20.38
N GLU A 19 45.12 10.37 -19.75
CA GLU A 19 44.20 9.41 -20.35
C GLU A 19 43.02 10.09 -21.04
N LYS A 20 42.49 9.42 -22.06
CA LYS A 20 41.39 9.96 -22.86
C LYS A 20 40.06 9.89 -22.12
N GLU A 21 39.86 8.80 -21.37
CA GLU A 21 38.60 8.56 -20.69
C GLU A 21 38.24 9.67 -19.70
N VAL A 22 36.94 9.97 -19.61
CA VAL A 22 36.45 11.09 -18.83
C VAL A 22 36.60 10.89 -17.33
N HIS A 23 36.92 9.67 -16.91
CA HIS A 23 37.10 9.38 -15.49
C HIS A 23 38.46 9.85 -15.01
N ASN A 24 39.52 9.50 -15.75
CA ASN A 24 40.85 9.99 -15.44
C ASN A 24 40.95 11.51 -15.58
N VAL A 25 40.24 12.04 -16.58
CA VAL A 25 40.20 13.48 -16.79
C VAL A 25 39.63 14.19 -15.56
N TRP A 26 38.52 13.67 -15.06
CA TRP A 26 37.85 14.26 -13.90
C TRP A 26 38.65 14.03 -12.62
N ALA A 27 39.11 12.80 -12.42
CA ALA A 27 39.76 12.41 -11.17
C ALA A 27 41.16 12.99 -10.99
N THR A 28 41.55 13.90 -11.87
CA THR A 28 42.84 14.58 -11.73
C THR A 28 42.62 16.05 -11.37
N HIS A 29 41.56 16.65 -11.92
CA HIS A 29 41.22 18.02 -11.57
C HIS A 29 40.14 18.04 -10.49
N ALA A 30 40.06 16.96 -9.72
CA ALA A 30 39.07 16.84 -8.67
C ALA A 30 39.54 15.96 -7.50
N CYS A 31 40.62 15.22 -7.72
CA CYS A 31 41.13 14.31 -6.69
C CYS A 31 42.63 14.45 -6.45
N VAL A 32 43.07 13.94 -5.30
CA VAL A 32 44.47 13.98 -4.89
C VAL A 32 45.05 12.58 -4.93
N PRO A 33 46.24 12.40 -5.52
CA PRO A 33 46.90 11.10 -5.63
C PRO A 33 46.97 10.32 -4.32
N THR A 34 46.96 8.99 -4.41
CA THR A 34 46.96 8.13 -3.23
C THR A 34 48.24 8.26 -2.42
N ASP A 35 48.27 7.63 -1.25
CA ASP A 35 49.41 7.73 -0.34
C ASP A 35 50.69 7.06 -0.88
N PRO A 36 50.63 5.75 -1.23
CA PRO A 36 49.58 4.73 -1.12
C PRO A 36 49.79 3.88 0.13
N ASN A 37 50.44 4.44 1.14
CA ASN A 37 50.70 3.74 2.38
C ASN A 37 49.96 4.37 3.57
N PRO A 38 48.68 4.02 3.75
CA PRO A 38 47.94 4.51 4.91
C PRO A 38 48.27 3.71 6.15
N GLN A 39 48.14 4.32 7.32
CA GLN A 39 48.45 3.64 8.57
C GLN A 39 47.21 2.95 9.15
N GLU A 40 47.34 1.66 9.44
CA GLU A 40 46.22 0.87 9.95
C GLU A 40 46.26 0.76 11.47
N MET A 41 45.85 1.81 12.17
CA MET A 41 45.80 1.79 13.63
C MET A 41 44.65 0.91 14.11
N VAL A 42 44.84 -0.41 14.00
CA VAL A 42 43.81 -1.36 14.36
C VAL A 42 43.92 -1.78 15.82
N LEU A 43 42.82 -1.71 16.54
CA LEU A 43 42.78 -2.14 17.94
C LEU A 43 41.45 -2.81 18.28
N ALA A 44 41.50 -3.81 19.16
CA ALA A 44 40.30 -4.51 19.59
C ALA A 44 39.76 -3.94 20.89
N ASN A 45 38.82 -4.66 21.50
CA ASN A 45 38.24 -4.27 22.79
C ASN A 45 37.54 -2.91 22.79
N VAL A 46 37.22 -2.40 21.61
CA VAL A 46 36.54 -1.11 21.49
C VAL A 46 35.38 -1.20 20.51
N THR A 47 34.16 -0.90 20.99
CA THR A 47 32.95 -1.04 20.20
C THR A 47 32.40 0.30 19.72
N GLU A 48 32.04 0.37 18.43
CA GLU A 48 31.45 1.56 17.85
C GLU A 48 30.18 1.23 17.06
N ASN A 49 29.30 2.21 16.90
CA ASN A 49 28.06 2.00 16.17
C ASN A 49 28.07 2.66 14.79
N PHE A 50 27.51 1.98 13.80
CA PHE A 50 27.49 2.48 12.44
C PHE A 50 26.07 2.47 11.86
N ASN A 51 25.92 3.11 10.70
CA ASN A 51 24.63 3.14 10.00
C ASN A 51 24.80 3.56 8.55
N MET A 52 24.75 2.57 7.66
CA MET A 52 25.00 2.80 6.24
C MET A 52 23.86 3.55 5.53
N TRP A 53 22.71 3.63 6.20
CA TRP A 53 21.53 4.24 5.59
C TRP A 53 21.36 5.70 5.98
N LYS A 54 21.98 6.08 7.08
CA LYS A 54 22.04 7.49 7.48
C LYS A 54 23.49 7.90 7.65
N ASN A 55 24.25 7.78 6.58
CA ASN A 55 25.68 8.06 6.59
C ASN A 55 26.03 9.27 5.73
N ASP A 56 26.77 10.21 6.31
CA ASP A 56 27.08 11.48 5.65
C ASP A 56 28.03 11.33 4.47
N MET A 57 28.88 10.31 4.51
CA MET A 57 29.88 10.10 3.47
C MET A 57 29.23 9.77 2.13
N VAL A 58 28.08 9.10 2.18
CA VAL A 58 27.38 8.67 0.97
C VAL A 58 26.94 9.85 0.12
N GLU A 59 26.41 10.89 0.77
CA GLU A 59 25.88 12.05 0.08
C GLU A 59 26.98 12.84 -0.64
N GLN A 60 28.17 12.84 -0.06
CA GLN A 60 29.31 13.55 -0.65
C GLN A 60 29.80 12.84 -1.90
N MET A 61 29.85 11.51 -1.84
CA MET A 61 30.23 10.70 -2.99
C MET A 61 29.17 10.84 -4.09
N HIS A 62 27.93 11.00 -3.66
CA HIS A 62 26.82 11.20 -4.59
C HIS A 62 26.97 12.52 -5.35
N GLU A 63 27.59 13.50 -4.70
CA GLU A 63 27.73 14.83 -5.27
C GLU A 63 28.80 14.88 -6.35
N ASP A 64 29.95 14.30 -6.08
CA ASP A 64 31.08 14.33 -7.01
C ASP A 64 30.81 13.53 -8.28
N ILE A 65 30.15 12.39 -8.13
CA ILE A 65 29.80 11.56 -9.28
C ILE A 65 28.72 12.25 -10.12
N ILE A 66 27.87 13.02 -9.47
CA ILE A 66 26.86 13.81 -10.16
C ILE A 66 27.51 14.84 -11.08
N SER A 67 28.53 15.52 -10.58
CA SER A 67 29.24 16.51 -11.37
C SER A 67 30.04 15.83 -12.48
N LEU A 68 30.46 14.59 -12.21
CA LEU A 68 31.20 13.80 -13.19
C LEU A 68 30.34 13.55 -14.44
N TRP A 69 29.26 12.79 -14.27
CA TRP A 69 28.36 12.45 -15.37
C TRP A 69 27.80 13.68 -16.09
N ASP A 70 27.59 14.76 -15.35
CA ASP A 70 27.02 15.98 -15.91
C ASP A 70 27.98 16.65 -16.90
N GLU A 71 29.25 16.74 -16.54
CA GLU A 71 30.23 17.45 -17.35
C GLU A 71 30.99 16.53 -18.29
N SER A 72 30.94 15.22 -18.02
CA SER A 72 31.63 14.25 -18.86
C SER A 72 30.75 13.78 -20.01
N LEU A 73 30.05 12.67 -19.79
CA LEU A 73 29.16 12.13 -20.80
C LEU A 73 28.04 13.12 -21.09
N LYS A 74 28.29 14.01 -22.05
CA LYS A 74 27.36 15.07 -22.37
C LYS A 74 26.37 14.64 -23.45
N PRO A 75 25.07 14.82 -23.17
CA PRO A 75 23.99 14.49 -24.10
C PRO A 75 23.87 15.51 -25.23
N CYS A 76 22.81 15.41 -26.01
CA CYS A 76 22.58 16.35 -27.11
C CYS A 76 21.55 17.40 -26.72
N VAL A 77 20.42 16.93 -26.19
CA VAL A 77 19.36 17.84 -25.73
C VAL A 77 18.75 17.38 -24.40
N LYS A 78 18.72 18.28 -23.44
CA LYS A 78 18.14 17.99 -22.13
C LYS A 78 16.81 18.72 -21.94
N LEU A 79 15.92 18.13 -21.15
CA LEU A 79 14.62 18.73 -20.89
C LEU A 79 14.40 18.90 -19.38
N THR A 80 14.10 20.13 -18.97
CA THR A 80 13.90 20.42 -17.55
C THR A 80 12.53 21.03 -17.27
N GLY A 81 11.53 20.59 -18.03
CA GLY A 81 10.16 21.03 -17.82
C GLY A 81 9.97 22.53 -17.93
N GLY A 82 9.94 23.03 -19.17
CA GLY A 82 9.75 24.44 -19.39
C GLY A 82 11.01 25.12 -19.92
N SER A 83 12.13 24.43 -19.83
CA SER A 83 13.40 24.97 -20.29
C SER A 83 14.34 23.87 -20.79
N ALA A 84 14.42 23.73 -22.10
CA ALA A 84 15.33 22.75 -22.71
C ALA A 84 16.66 23.40 -23.06
N ILE A 85 17.61 22.58 -23.48
CA ILE A 85 18.93 23.07 -23.87
C ILE A 85 19.55 22.21 -24.97
N THR A 86 20.26 22.85 -25.90
CA THR A 86 20.92 22.14 -26.98
C THR A 86 22.42 22.41 -26.98
N GLN A 87 23.21 21.35 -27.16
CA GLN A 87 24.66 21.46 -27.10
C GLN A 87 25.35 20.35 -27.88
N ALA A 88 26.68 20.34 -27.83
CA ALA A 88 27.46 19.33 -28.52
C ALA A 88 27.45 18.01 -27.78
N CYS A 89 27.29 16.91 -28.52
CA CYS A 89 27.24 15.57 -27.93
C CYS A 89 28.31 14.67 -28.54
N PRO A 90 29.55 14.78 -28.06
CA PRO A 90 30.66 13.95 -28.57
C PRO A 90 30.76 12.60 -27.88
N LYS A 91 31.05 11.56 -28.65
CA LYS A 91 31.29 10.24 -28.07
C LYS A 91 32.66 10.23 -27.42
N VAL A 92 32.82 9.41 -26.38
CA VAL A 92 34.05 9.43 -25.61
C VAL A 92 34.27 8.11 -24.87
N SER A 93 35.51 7.85 -24.46
CA SER A 93 35.83 6.68 -23.67
C SER A 93 35.20 6.79 -22.29
N PHE A 94 34.52 5.73 -21.87
CA PHE A 94 33.82 5.75 -20.59
C PHE A 94 34.05 4.46 -19.81
N ASP A 95 35.03 4.48 -18.91
CA ASP A 95 35.33 3.35 -18.06
C ASP A 95 35.74 3.84 -16.67
N PRO A 96 34.93 3.50 -15.65
CA PRO A 96 35.13 3.96 -14.27
C PRO A 96 36.51 3.66 -13.70
N ILE A 97 36.98 4.51 -12.80
CA ILE A 97 38.24 4.31 -12.10
C ILE A 97 37.98 4.24 -10.59
N PRO A 98 38.58 3.26 -9.91
CA PRO A 98 38.41 3.09 -8.47
C PRO A 98 38.84 4.33 -7.68
N LEU A 99 37.96 4.83 -6.82
CA LEU A 99 38.23 6.05 -6.07
C LEU A 99 38.32 5.81 -4.57
N HIS A 100 38.89 6.78 -3.87
CA HIS A 100 38.97 6.74 -2.41
C HIS A 100 38.34 8.01 -1.86
N TYR A 101 38.11 8.04 -0.56
CA TYR A 101 37.62 9.24 0.12
C TYR A 101 38.28 9.38 1.48
N CYS A 102 38.82 10.55 1.77
CA CYS A 102 39.62 10.74 2.97
C CYS A 102 39.15 11.89 3.86
N ALA A 103 39.49 11.80 5.15
CA ALA A 103 39.14 12.83 6.10
C ALA A 103 40.33 13.75 6.38
N PRO A 104 40.08 15.05 6.52
CA PRO A 104 41.12 16.05 6.80
C PRO A 104 41.73 15.89 8.18
N ALA A 105 42.72 16.71 8.50
CA ALA A 105 43.35 16.67 9.82
C ALA A 105 42.37 17.12 10.89
N GLY A 106 42.41 16.47 12.04
CA GLY A 106 41.48 16.75 13.11
C GLY A 106 40.29 15.82 13.06
N PHE A 107 40.12 15.15 11.92
CA PHE A 107 39.06 14.17 11.73
C PHE A 107 39.65 12.80 11.45
N ALA A 108 38.83 11.77 11.53
CA ALA A 108 39.28 10.41 11.28
C ALA A 108 38.13 9.50 10.85
N ILE A 109 38.43 8.56 9.96
CA ILE A 109 37.42 7.62 9.49
C ILE A 109 37.50 6.29 10.24
N LEU A 110 36.45 5.95 10.97
CA LEU A 110 36.42 4.69 11.71
C LEU A 110 35.99 3.53 10.81
N LYS A 111 36.73 2.43 10.88
CA LYS A 111 36.48 1.27 10.05
C LYS A 111 36.15 0.05 10.89
N CYS A 112 35.00 -0.56 10.63
CA CYS A 112 34.62 -1.81 11.27
C CYS A 112 35.44 -2.94 10.68
N ASN A 113 35.61 -4.02 11.43
CA ASN A 113 36.39 -5.16 10.96
C ASN A 113 35.58 -6.44 10.91
N ASN A 114 34.44 -6.44 11.60
CA ASN A 114 33.53 -7.57 11.55
C ASN A 114 32.95 -7.73 10.15
N LYS A 115 33.40 -8.76 9.45
CA LYS A 115 33.00 -8.98 8.06
C LYS A 115 31.55 -9.45 7.94
N THR A 116 30.93 -9.74 9.08
CA THR A 116 29.55 -10.18 9.11
C THR A 116 28.60 -9.07 9.53
N PHE A 117 29.13 -7.85 9.61
CA PHE A 117 28.33 -6.68 9.97
C PHE A 117 27.32 -6.36 8.89
N ASN A 118 26.05 -6.28 9.26
CA ASN A 118 24.96 -6.07 8.30
C ASN A 118 24.91 -4.65 7.72
N GLY A 119 25.13 -3.66 8.57
CA GLY A 119 25.10 -2.27 8.13
C GLY A 119 24.62 -1.32 9.22
N THR A 120 23.92 -1.87 10.20
CA THR A 120 23.42 -1.08 11.33
C THR A 120 23.79 -1.76 12.64
N GLY A 121 23.90 -0.96 13.70
CA GLY A 121 24.22 -1.49 15.01
C GLY A 121 25.70 -1.38 15.36
N PRO A 122 26.08 -1.94 16.51
CA PRO A 122 27.46 -1.87 17.04
C PRO A 122 28.42 -2.81 16.32
N CYS A 123 29.72 -2.66 16.62
CA CYS A 123 30.75 -3.49 16.03
C CYS A 123 31.96 -3.58 16.96
N ARG A 124 32.40 -4.80 17.23
CA ARG A 124 33.43 -5.05 18.24
C ARG A 124 34.84 -4.65 17.81
N ASN A 125 35.16 -4.83 16.54
CA ASN A 125 36.51 -4.61 16.05
C ASN A 125 36.62 -3.33 15.22
N VAL A 126 37.37 -2.35 15.74
CA VAL A 126 37.48 -1.05 15.08
C VAL A 126 38.91 -0.71 14.67
N SER A 127 39.03 0.16 13.69
CA SER A 127 40.33 0.64 13.22
C SER A 127 40.20 2.07 12.70
N THR A 128 41.31 2.66 12.28
CA THR A 128 41.30 4.03 11.78
C THR A 128 42.21 4.23 10.58
N VAL A 129 41.62 4.54 9.43
CA VAL A 129 42.37 4.87 8.23
C VAL A 129 42.01 6.30 7.80
N GLN A 130 43.02 7.06 7.40
CA GLN A 130 42.81 8.46 7.01
C GLN A 130 41.92 8.53 5.77
N CYS A 131 41.99 7.50 4.93
CA CYS A 131 41.21 7.45 3.70
C CYS A 131 40.39 6.16 3.64
N THR A 132 39.74 5.93 2.50
CA THR A 132 39.00 4.70 2.29
C THR A 132 39.69 3.84 1.24
N HIS A 133 39.33 2.56 1.18
CA HIS A 133 39.93 1.64 0.23
C HIS A 133 39.45 1.92 -1.21
N GLY A 134 40.09 1.27 -2.17
CA GLY A 134 39.75 1.46 -3.57
C GLY A 134 38.33 1.04 -3.88
N ILE A 135 37.51 1.99 -4.33
CA ILE A 135 36.11 1.72 -4.63
C ILE A 135 35.73 2.23 -6.02
N LYS A 136 35.18 1.33 -6.83
CA LYS A 136 34.81 1.66 -8.21
C LYS A 136 33.33 2.06 -8.29
N PRO A 137 33.08 3.35 -8.60
CA PRO A 137 31.72 3.91 -8.67
C PRO A 137 31.00 3.49 -9.95
N VAL A 138 30.22 2.41 -9.86
CA VAL A 138 29.49 1.91 -11.03
C VAL A 138 27.99 2.12 -10.89
N VAL A 139 27.43 2.90 -11.80
CA VAL A 139 25.99 3.18 -11.82
C VAL A 139 25.23 2.05 -12.51
N SER A 140 24.43 1.33 -11.74
CA SER A 140 23.69 0.18 -12.27
C SER A 140 22.49 -0.16 -11.39
N THR A 141 21.37 -0.51 -12.03
CA THR A 141 20.17 -0.89 -11.32
C THR A 141 20.09 -2.41 -11.15
N GLN A 142 19.28 -2.85 -10.20
CA GLN A 142 19.05 -4.28 -9.95
C GLN A 142 20.31 -5.05 -9.56
N LEU A 143 21.31 -5.02 -10.44
CA LEU A 143 22.58 -5.70 -10.20
C LEU A 143 23.68 -4.68 -9.92
N LEU A 144 24.70 -5.10 -9.18
CA LEU A 144 25.87 -4.27 -8.93
C LEU A 144 27.03 -4.75 -9.78
N LEU A 145 27.21 -4.13 -10.95
CA LEU A 145 28.17 -4.60 -11.95
C LEU A 145 29.59 -4.79 -11.41
N ASN A 146 30.03 -3.86 -10.57
CA ASN A 146 31.36 -3.96 -9.97
C ASN A 146 31.35 -3.54 -8.51
N GLY A 147 32.04 -4.32 -7.67
CA GLY A 147 32.11 -4.05 -6.25
C GLY A 147 32.98 -5.04 -5.50
N SER A 148 32.96 -4.96 -4.18
CA SER A 148 33.74 -5.87 -3.35
C SER A 148 32.89 -7.05 -2.89
N LEU A 149 33.54 -8.05 -2.30
CA LEU A 149 32.85 -9.23 -1.79
C LEU A 149 33.41 -9.66 -0.44
N ALA A 150 32.52 -10.06 0.46
CA ALA A 150 32.93 -10.55 1.76
C ALA A 150 33.36 -12.01 1.67
N GLU A 151 34.58 -12.30 2.10
CA GLU A 151 35.11 -13.67 2.09
C GLU A 151 34.29 -14.55 3.02
N GLU A 152 33.66 -13.92 4.01
CA GLU A 152 32.78 -14.62 4.94
C GLU A 152 31.48 -15.03 4.26
N GLU A 153 30.46 -15.29 5.09
CA GLU A 153 29.16 -15.69 4.58
C GLU A 153 28.39 -14.50 4.00
N ILE A 154 27.28 -14.78 3.32
CA ILE A 154 26.47 -13.75 2.69
C ILE A 154 25.76 -12.87 3.71
N ILE A 155 25.82 -11.55 3.50
CA ILE A 155 25.19 -10.59 4.40
C ILE A 155 24.07 -9.83 3.70
N ILE A 156 22.94 -9.68 4.40
CA ILE A 156 21.79 -8.95 3.88
C ILE A 156 21.72 -7.55 4.49
N ARG A 157 21.59 -6.53 3.65
CA ARG A 157 21.57 -5.15 4.11
C ARG A 157 20.23 -4.47 3.86
N SER A 158 19.68 -3.87 4.91
CA SER A 158 18.42 -3.15 4.81
C SER A 158 18.25 -2.23 6.01
N GLU A 159 17.64 -1.07 5.77
CA GLU A 159 17.39 -0.12 6.87
C GLU A 159 16.34 -0.70 7.81
N ASN A 160 15.45 -1.52 7.26
CA ASN A 160 14.47 -2.26 8.05
C ASN A 160 13.83 -3.38 7.21
N LEU A 161 14.10 -4.62 7.59
CA LEU A 161 13.53 -5.77 6.89
C LEU A 161 12.02 -5.81 7.02
N THR A 162 11.52 -5.28 8.13
CA THR A 162 10.09 -5.23 8.40
C THR A 162 9.42 -4.21 7.47
N ASN A 163 10.20 -3.22 7.04
CA ASN A 163 9.71 -2.18 6.14
C ASN A 163 9.90 -2.57 4.68
N ASN A 164 8.80 -2.83 3.99
CA ASN A 164 8.87 -3.24 2.59
C ASN A 164 9.16 -2.07 1.65
N ALA A 165 9.17 -0.86 2.20
CA ALA A 165 9.48 0.34 1.42
C ALA A 165 10.98 0.58 1.40
N LYS A 166 11.71 -0.16 2.23
CA LYS A 166 13.16 -0.04 2.28
C LYS A 166 13.83 -1.01 1.32
N THR A 167 14.66 -0.48 0.43
CA THR A 167 15.36 -1.29 -0.56
C THR A 167 16.37 -2.23 0.10
N ILE A 168 16.36 -3.48 -0.32
CA ILE A 168 17.26 -4.49 0.25
C ILE A 168 18.52 -4.65 -0.59
N ILE A 169 19.67 -4.63 0.08
CA ILE A 169 20.95 -4.82 -0.58
C ILE A 169 21.59 -6.13 -0.14
N VAL A 170 21.90 -7.00 -1.10
CA VAL A 170 22.47 -8.30 -0.81
C VAL A 170 23.96 -8.34 -1.14
N HIS A 171 24.79 -8.54 -0.12
CA HIS A 171 26.23 -8.63 -0.33
C HIS A 171 26.66 -10.09 -0.45
N LEU A 172 26.98 -10.49 -1.68
CA LEU A 172 27.32 -11.88 -1.98
C LEU A 172 28.68 -12.30 -1.41
N ASN A 173 29.12 -13.50 -1.78
CA ASN A 173 30.40 -14.02 -1.34
C ASN A 173 31.25 -14.46 -2.53
N GLU A 174 30.61 -15.07 -3.53
CA GLU A 174 31.29 -15.50 -4.73
C GLU A 174 30.93 -14.58 -5.90
N SER A 175 31.88 -14.38 -6.80
CA SER A 175 31.67 -13.52 -7.96
C SER A 175 30.88 -14.23 -9.06
N VAL A 176 30.00 -13.49 -9.72
CA VAL A 176 29.24 -14.01 -10.84
C VAL A 176 29.49 -13.16 -12.08
N ASN A 177 29.93 -13.80 -13.15
CA ASN A 177 30.34 -13.08 -14.36
C ASN A 177 29.17 -12.73 -15.28
N ILE A 178 29.22 -11.54 -15.88
CA ILE A 178 28.21 -11.09 -16.82
C ILE A 178 28.84 -10.43 -18.04
N VAL A 179 28.48 -10.89 -19.23
CA VAL A 179 29.02 -10.35 -20.47
C VAL A 179 27.91 -9.78 -21.36
N CYS A 180 28.03 -8.49 -21.69
CA CYS A 180 27.07 -7.84 -22.57
C CYS A 180 27.78 -7.34 -23.83
N THR A 181 27.33 -7.81 -24.99
CA THR A 181 28.00 -7.50 -26.25
C THR A 181 27.09 -6.82 -27.27
N ARG A 182 27.71 -6.23 -28.29
CA ARG A 182 26.98 -5.71 -29.44
C ARG A 182 27.77 -6.01 -30.71
N PRO A 183 27.45 -7.14 -31.38
CA PRO A 183 28.16 -7.60 -32.58
C PRO A 183 28.04 -6.64 -33.75
N ASN A 184 28.85 -6.86 -34.79
CA ASN A 184 28.79 -6.05 -35.99
C ASN A 184 28.38 -6.88 -37.20
N GLN A 196 19.77 -4.10 -31.10
CA GLN A 196 19.49 -5.42 -30.53
C GLN A 196 20.76 -6.05 -29.93
N ALA A 197 20.94 -5.86 -28.64
CA ALA A 197 22.07 -6.44 -27.92
C ALA A 197 21.60 -7.52 -26.96
N HIS A 198 22.54 -8.09 -26.21
CA HIS A 198 22.22 -9.18 -25.28
C HIS A 198 23.30 -9.42 -24.23
N CYS A 199 22.88 -9.86 -23.05
CA CYS A 199 23.80 -10.23 -21.98
C CYS A 199 23.98 -11.74 -21.94
N ASN A 200 24.95 -12.20 -21.14
CA ASN A 200 25.19 -13.61 -20.97
C ASN A 200 25.65 -13.95 -19.56
N ILE A 201 24.86 -14.78 -18.87
CA ILE A 201 25.14 -15.16 -17.49
C ILE A 201 25.14 -16.67 -17.34
N ASN A 202 26.13 -17.19 -16.61
CA ASN A 202 26.24 -18.63 -16.39
C ASN A 202 25.18 -19.14 -15.42
N GLU A 203 24.27 -19.95 -15.93
CA GLU A 203 23.17 -20.49 -15.13
C GLU A 203 23.66 -21.34 -13.96
N SER A 204 24.75 -22.08 -14.19
CA SER A 204 25.30 -22.94 -13.16
C SER A 204 25.74 -22.14 -11.94
N LYS A 205 26.42 -21.02 -12.18
CA LYS A 205 26.83 -20.13 -11.11
C LYS A 205 25.62 -19.39 -10.54
N TRP A 206 24.72 -18.98 -11.42
CA TRP A 206 23.54 -18.21 -11.05
C TRP A 206 22.61 -18.98 -10.11
N ASN A 207 22.46 -20.26 -10.39
CA ASN A 207 21.67 -21.17 -9.57
C ASN A 207 22.27 -21.37 -8.19
N ASN A 208 23.59 -21.46 -8.15
CA ASN A 208 24.31 -21.63 -6.89
C ASN A 208 24.19 -20.38 -6.03
N THR A 209 24.29 -19.21 -6.65
CA THR A 209 24.20 -17.94 -5.93
C THR A 209 22.84 -17.73 -5.27
N LEU A 210 21.78 -17.84 -6.06
CA LEU A 210 20.41 -17.68 -5.58
C LEU A 210 20.03 -18.80 -4.63
N GLN A 211 20.81 -19.89 -4.66
CA GLN A 211 20.58 -20.99 -3.73
C GLN A 211 20.97 -20.52 -2.34
N LYS A 212 22.13 -19.88 -2.27
CA LYS A 212 22.70 -19.45 -1.00
C LYS A 212 22.12 -18.11 -0.53
N VAL A 213 21.61 -17.31 -1.47
CA VAL A 213 20.92 -16.07 -1.14
C VAL A 213 19.64 -16.39 -0.37
N GLY A 214 18.93 -17.42 -0.84
CA GLY A 214 17.70 -17.85 -0.21
C GLY A 214 17.92 -18.38 1.19
N GLU A 215 19.07 -19.03 1.41
CA GLU A 215 19.42 -19.54 2.73
C GLU A 215 19.55 -18.41 3.73
N GLU A 216 20.03 -17.27 3.26
CA GLU A 216 20.20 -16.09 4.12
C GLU A 216 18.89 -15.31 4.24
N LEU A 217 18.08 -15.34 3.19
CA LEU A 217 16.78 -14.69 3.22
C LEU A 217 15.81 -15.47 4.11
N ALA A 218 15.96 -16.78 4.12
CA ALA A 218 15.12 -17.64 4.95
C ALA A 218 15.62 -17.70 6.39
N LYS A 219 16.62 -16.89 6.70
CA LYS A 219 17.14 -16.79 8.05
C LYS A 219 16.29 -15.81 8.86
N HIS A 220 15.94 -14.70 8.24
CA HIS A 220 15.14 -13.67 8.90
C HIS A 220 13.66 -13.85 8.59
N PHE A 221 13.37 -14.64 7.56
CA PHE A 221 12.00 -15.04 7.25
C PHE A 221 11.96 -16.56 7.04
N PRO A 222 11.94 -17.32 8.15
CA PRO A 222 12.10 -18.78 8.13
C PRO A 222 10.94 -19.57 7.51
N SER A 223 9.71 -19.26 7.92
CA SER A 223 8.56 -20.09 7.55
C SER A 223 8.17 -19.98 6.07
N LYS A 224 8.64 -18.94 5.40
CA LYS A 224 8.18 -18.63 4.06
C LYS A 224 9.05 -19.20 2.94
N THR A 225 8.42 -19.49 1.80
CA THR A 225 9.14 -19.92 0.61
C THR A 225 9.53 -18.69 -0.22
N ILE A 226 10.82 -18.54 -0.48
CA ILE A 226 11.32 -17.34 -1.15
C ILE A 226 11.19 -17.45 -2.67
N LYS A 227 10.74 -16.36 -3.30
CA LYS A 227 10.56 -16.32 -4.74
C LYS A 227 11.32 -15.17 -5.38
N PHE A 228 11.35 -15.16 -6.71
CA PHE A 228 11.98 -14.08 -7.47
C PHE A 228 11.18 -13.79 -8.73
N GLU A 229 10.42 -12.69 -8.72
CA GLU A 229 9.67 -12.27 -9.89
C GLU A 229 10.29 -11.01 -10.47
N PRO A 230 10.08 -10.76 -11.78
CA PRO A 230 10.56 -9.52 -12.41
C PRO A 230 9.95 -8.28 -11.76
N SER A 231 10.43 -7.10 -12.15
CA SER A 231 9.97 -5.85 -11.58
C SER A 231 8.46 -5.66 -11.73
N SER A 232 7.85 -4.96 -10.78
CA SER A 232 6.40 -4.81 -10.75
C SER A 232 5.90 -3.67 -11.63
N GLY A 233 6.83 -2.94 -12.24
CA GLY A 233 6.46 -1.84 -13.11
C GLY A 233 7.28 -0.58 -12.87
N GLY A 234 6.94 0.49 -13.59
CA GLY A 234 7.65 1.75 -13.47
C GLY A 234 8.41 2.11 -14.74
N ASP A 235 9.38 3.02 -14.60
CA ASP A 235 10.19 3.45 -15.73
C ASP A 235 11.05 2.31 -16.25
N LEU A 236 11.50 2.43 -17.50
CA LEU A 236 12.32 1.39 -18.11
C LEU A 236 13.68 1.26 -17.44
N GLU A 237 14.14 2.33 -16.80
CA GLU A 237 15.43 2.33 -16.12
C GLU A 237 15.41 1.42 -14.90
N ILE A 238 14.27 1.34 -14.22
CA ILE A 238 14.16 0.56 -12.99
C ILE A 238 13.63 -0.86 -13.24
N THR A 239 12.66 -0.99 -14.13
CA THR A 239 12.10 -2.29 -14.45
C THR A 239 13.18 -3.14 -15.11
N THR A 240 13.85 -2.54 -16.08
CA THR A 240 14.89 -3.21 -16.84
C THR A 240 16.26 -2.84 -16.30
N HIS A 241 17.10 -3.85 -16.08
CA HIS A 241 18.46 -3.63 -15.60
C HIS A 241 19.23 -2.72 -16.53
N SER A 242 19.37 -1.46 -16.14
CA SER A 242 20.04 -0.47 -16.97
C SER A 242 21.43 -0.15 -16.44
N PHE A 243 22.36 0.08 -17.35
CA PHE A 243 23.71 0.48 -17.00
C PHE A 243 24.36 1.31 -18.10
N ASN A 244 25.68 1.45 -18.05
CA ASN A 244 26.39 2.27 -19.03
C ASN A 244 27.78 1.74 -19.34
N CYS A 245 27.93 1.12 -20.51
CA CYS A 245 29.23 0.62 -20.95
C CYS A 245 29.76 1.51 -22.07
N ARG A 246 31.01 1.95 -21.92
CA ARG A 246 31.67 2.87 -22.84
C ARG A 246 30.81 4.05 -23.33
N GLY A 247 29.92 4.52 -22.47
CA GLY A 247 29.09 5.68 -22.79
C GLY A 247 27.78 5.31 -23.44
N GLU A 248 27.54 4.01 -23.59
CA GLU A 248 26.30 3.53 -24.21
C GLU A 248 25.30 3.07 -23.15
N PHE A 249 24.09 3.63 -23.22
CA PHE A 249 23.05 3.30 -22.25
C PHE A 249 22.36 2.00 -22.60
N PHE A 250 22.75 0.92 -21.93
CA PHE A 250 22.16 -0.39 -22.17
C PHE A 250 20.93 -0.64 -21.29
N TYR A 251 19.96 -1.33 -21.87
CA TYR A 251 18.75 -1.71 -21.14
C TYR A 251 18.43 -3.18 -21.42
N CYS A 252 18.86 -4.06 -20.51
CA CYS A 252 18.72 -5.50 -20.70
C CYS A 252 17.49 -6.06 -20.00
N ASN A 253 16.57 -6.63 -20.78
CA ASN A 253 15.35 -7.23 -20.24
C ASN A 253 15.66 -8.36 -19.26
N THR A 254 15.21 -8.19 -18.01
CA THR A 254 15.57 -9.09 -16.93
C THR A 254 14.44 -10.05 -16.54
N SER A 255 13.39 -10.08 -17.35
CA SER A 255 12.21 -10.87 -17.04
C SER A 255 12.51 -12.36 -16.88
N ASP A 256 13.56 -12.84 -17.52
CA ASP A 256 13.95 -14.24 -17.42
C ASP A 256 15.15 -14.42 -16.50
N LEU A 257 15.63 -13.33 -15.92
CA LEU A 257 16.75 -13.40 -14.98
C LEU A 257 16.25 -13.70 -13.58
N PHE A 258 15.24 -12.94 -13.13
CA PHE A 258 14.62 -13.17 -11.84
C PHE A 258 13.29 -13.90 -12.03
N ASN A 259 13.37 -15.23 -12.13
CA ASN A 259 12.19 -16.05 -12.38
C ASN A 259 12.37 -17.45 -11.81
N GLY A 260 12.41 -17.55 -10.49
CA GLY A 260 12.63 -18.82 -9.83
C GLY A 260 12.04 -18.90 -8.43
N THR A 261 12.18 -20.06 -7.80
CA THR A 261 11.62 -20.31 -6.48
C THR A 261 12.58 -21.09 -5.59
N TYR A 262 12.71 -20.68 -4.34
CA TYR A 262 13.58 -21.36 -3.38
C TYR A 262 12.78 -21.98 -2.24
N ARG A 263 12.89 -23.30 -2.08
CA ARG A 263 12.22 -24.00 -0.99
C ARG A 263 13.00 -25.26 -0.60
N ASN A 264 12.99 -25.57 0.69
CA ASN A 264 13.65 -26.75 1.22
C ASN A 264 15.15 -26.79 0.93
N GLY A 265 15.78 -25.63 0.97
CA GLY A 265 17.22 -25.53 0.74
C GLY A 265 17.60 -25.77 -0.71
N THR A 266 16.63 -25.69 -1.61
CA THR A 266 16.86 -25.88 -3.04
C THR A 266 16.17 -24.78 -3.85
N TYR A 267 16.80 -24.35 -4.94
CA TYR A 267 16.25 -23.31 -5.79
C TYR A 267 15.98 -23.84 -7.20
N ASN A 268 14.79 -23.55 -7.73
CA ASN A 268 14.43 -23.94 -9.09
C ASN A 268 14.16 -22.73 -9.97
N HIS A 269 14.96 -22.59 -11.03
CA HIS A 269 14.86 -21.44 -11.90
C HIS A 269 14.14 -21.78 -13.20
N THR A 270 13.23 -20.89 -13.61
CA THR A 270 12.63 -21.00 -14.93
C THR A 270 13.62 -20.36 -15.90
N GLY A 271 13.36 -19.12 -16.29
CA GLY A 271 14.35 -18.29 -16.96
C GLY A 271 14.64 -18.50 -18.43
N ARG A 272 14.06 -19.55 -19.03
CA ARG A 272 14.22 -19.79 -20.46
C ARG A 272 15.69 -19.85 -20.89
N SER A 273 16.46 -20.72 -20.26
CA SER A 273 17.86 -20.90 -20.62
C SER A 273 17.98 -21.83 -21.82
N SER A 274 18.12 -21.25 -23.00
CA SER A 274 18.05 -21.99 -24.25
C SER A 274 19.32 -22.79 -24.56
N ASN A 275 20.40 -22.55 -23.83
CA ASN A 275 21.66 -23.23 -24.08
C ASN A 275 22.55 -23.32 -22.86
N GLY A 276 21.94 -23.52 -21.68
CA GLY A 276 22.68 -23.63 -20.45
C GLY A 276 23.26 -22.29 -20.02
N THR A 277 22.81 -21.22 -20.66
CA THR A 277 23.29 -19.88 -20.37
C THR A 277 22.12 -18.89 -20.41
N ILE A 278 22.02 -18.05 -19.40
CA ILE A 278 20.97 -17.04 -19.33
C ILE A 278 21.21 -15.94 -20.37
N THR A 279 20.21 -15.69 -21.21
CA THR A 279 20.31 -14.65 -22.22
C THR A 279 19.30 -13.54 -21.98
N LEU A 280 19.81 -12.34 -21.72
CA LEU A 280 18.95 -11.18 -21.47
C LEU A 280 19.02 -10.21 -22.65
N GLN A 281 17.89 -10.05 -23.34
CA GLN A 281 17.84 -9.19 -24.52
C GLN A 281 18.05 -7.73 -24.17
N CYS A 282 19.22 -7.20 -24.55
CA CYS A 282 19.57 -5.82 -24.27
C CYS A 282 19.24 -4.91 -25.44
N LYS A 283 19.32 -3.60 -25.20
CA LYS A 283 19.06 -2.60 -26.23
C LYS A 283 19.59 -1.24 -25.82
N ILE A 284 20.45 -0.66 -26.64
CA ILE A 284 21.00 0.65 -26.37
C ILE A 284 19.99 1.74 -26.66
N LYS A 285 19.61 2.50 -25.63
CA LYS A 285 18.65 3.58 -25.79
C LYS A 285 19.35 4.93 -25.92
N GLN A 286 18.64 5.89 -26.49
CA GLN A 286 19.16 7.24 -26.65
C GLN A 286 18.33 8.25 -25.87
N ILE A 287 17.07 7.89 -25.61
CA ILE A 287 16.22 8.68 -24.73
C ILE A 287 16.33 8.10 -23.31
N ILE A 288 16.89 8.87 -22.40
CA ILE A 288 17.18 8.38 -21.06
C ILE A 288 16.59 9.24 -19.94
N ASN A 289 15.88 8.58 -19.02
CA ASN A 289 15.49 9.22 -17.77
C ASN A 289 16.72 9.38 -16.89
N MET A 290 17.14 10.62 -16.69
CA MET A 290 18.35 10.90 -15.91
C MET A 290 18.19 10.56 -14.43
N TRP A 291 19.21 9.88 -13.89
CA TRP A 291 19.24 9.53 -12.48
C TRP A 291 19.71 10.72 -11.66
N GLN A 292 20.59 11.52 -12.26
CA GLN A 292 21.16 12.69 -11.61
C GLN A 292 20.12 13.76 -11.36
N GLU A 293 19.77 14.49 -12.42
CA GLU A 293 18.79 15.56 -12.33
C GLU A 293 17.46 15.12 -12.95
N VAL A 294 16.38 15.74 -12.50
CA VAL A 294 15.05 15.39 -12.97
C VAL A 294 14.83 15.89 -14.40
N GLY A 295 14.84 14.97 -15.35
CA GLY A 295 14.62 15.31 -16.74
C GLY A 295 15.05 14.23 -17.71
N ARG A 296 14.83 14.47 -19.00
CA ARG A 296 15.20 13.52 -20.04
C ARG A 296 16.37 14.02 -20.88
N ALA A 297 17.35 13.16 -21.11
CA ALA A 297 18.51 13.51 -21.91
C ALA A 297 18.60 12.63 -23.15
N ILE A 298 18.80 13.26 -24.32
CA ILE A 298 18.87 12.55 -25.58
C ILE A 298 20.32 12.36 -26.00
N TYR A 299 20.62 11.22 -26.61
CA TYR A 299 21.97 10.91 -27.05
C TYR A 299 22.03 10.46 -28.50
N ALA A 300 23.25 10.37 -29.02
CA ALA A 300 23.49 9.90 -30.37
C ALA A 300 23.56 8.38 -30.39
N PRO A 301 23.24 7.76 -31.54
CA PRO A 301 23.34 6.31 -31.74
C PRO A 301 24.71 5.77 -31.32
N PRO A 302 24.79 4.47 -31.00
CA PRO A 302 26.01 3.83 -30.51
C PRO A 302 27.19 3.95 -31.46
N ILE A 303 28.37 3.52 -31.01
CA ILE A 303 29.55 3.48 -31.87
C ILE A 303 29.44 2.28 -32.80
N GLU A 304 30.19 2.30 -33.89
CA GLU A 304 30.19 1.19 -34.84
C GLU A 304 31.24 0.15 -34.45
N GLY A 305 30.83 -1.11 -34.43
CA GLY A 305 31.73 -2.19 -34.08
C GLY A 305 31.26 -2.99 -32.88
N GLU A 306 32.22 -3.46 -32.09
CA GLU A 306 31.92 -4.29 -30.93
C GLU A 306 31.82 -3.44 -29.66
N ILE A 307 30.80 -3.71 -28.86
CA ILE A 307 30.64 -3.05 -27.57
C ILE A 307 30.49 -4.10 -26.47
N THR A 308 31.61 -4.45 -25.83
CA THR A 308 31.63 -5.53 -24.87
C THR A 308 32.40 -5.17 -23.59
N CYS A 309 31.78 -5.46 -22.44
CA CYS A 309 32.46 -5.28 -21.16
C CYS A 309 32.16 -6.43 -20.20
N ASN A 310 33.21 -7.11 -19.77
CA ASN A 310 33.07 -8.24 -18.85
C ASN A 310 32.94 -7.77 -17.41
N SER A 311 31.76 -7.96 -16.83
CA SER A 311 31.49 -7.50 -15.48
C SER A 311 31.33 -8.65 -14.49
N ASN A 312 31.47 -8.34 -13.20
CA ASN A 312 31.30 -9.33 -12.14
C ASN A 312 30.34 -8.81 -11.07
N ILE A 313 29.07 -9.20 -11.16
CA ILE A 313 28.09 -8.75 -10.18
C ILE A 313 28.41 -9.24 -8.77
N THR A 314 28.36 -8.32 -7.81
CA THR A 314 28.74 -8.62 -6.44
C THR A 314 27.58 -8.41 -5.48
N GLY A 315 26.50 -7.82 -5.98
CA GLY A 315 25.36 -7.52 -5.12
C GLY A 315 24.02 -7.44 -5.84
N LEU A 316 22.95 -7.51 -5.05
CA LEU A 316 21.60 -7.43 -5.58
C LEU A 316 20.83 -6.25 -4.98
N LEU A 317 19.81 -5.79 -5.69
CA LEU A 317 18.93 -4.74 -5.20
C LEU A 317 17.49 -5.21 -5.31
N LEU A 318 16.93 -5.64 -4.18
CA LEU A 318 15.60 -6.26 -4.18
C LEU A 318 14.60 -5.53 -3.29
N LEU A 319 13.31 -5.74 -3.57
CA LEU A 319 12.24 -5.17 -2.77
C LEU A 319 11.18 -6.23 -2.47
N ARG A 320 10.97 -6.50 -1.18
CA ARG A 320 10.00 -7.49 -0.75
C ARG A 320 8.58 -6.96 -0.86
N ASP A 321 7.69 -7.77 -1.44
CA ASP A 321 6.29 -7.40 -1.56
C ASP A 321 5.57 -7.58 -0.23
N GLY A 322 4.76 -6.60 0.14
CA GLY A 322 4.02 -6.63 1.38
C GLY A 322 2.64 -7.24 1.22
N GLY A 323 2.13 -7.84 2.29
CA GLY A 323 0.81 -8.45 2.27
C GLY A 323 0.78 -9.80 2.97
N GLN A 324 -0.38 -10.43 2.97
CA GLN A 324 -0.54 -11.73 3.61
C GLN A 324 -0.73 -12.84 2.58
N ASN A 329 1.01 -14.70 2.89
CA ASN A 329 0.83 -15.95 2.15
C ASN A 329 1.94 -16.96 2.44
N ASP A 330 2.67 -16.73 3.53
CA ASP A 330 3.77 -17.61 3.92
C ASP A 330 4.72 -17.84 2.75
N THR A 331 4.77 -16.88 1.83
CA THR A 331 5.64 -16.95 0.67
C THR A 331 6.04 -15.57 0.21
N GLU A 332 7.26 -15.16 0.54
CA GLU A 332 7.76 -13.84 0.18
C GLU A 332 8.37 -13.80 -1.21
N THR A 333 7.82 -12.95 -2.07
CA THR A 333 8.35 -12.77 -3.41
C THR A 333 9.26 -11.55 -3.46
N PHE A 334 10.39 -11.67 -4.14
CA PHE A 334 11.36 -10.59 -4.22
C PHE A 334 11.59 -10.12 -5.64
N ARG A 335 11.38 -8.83 -5.88
CA ARG A 335 11.56 -8.23 -7.19
C ARG A 335 12.76 -7.29 -7.20
N PRO A 336 13.47 -7.22 -8.33
CA PRO A 336 14.65 -6.36 -8.44
C PRO A 336 14.31 -4.87 -8.36
N GLY A 337 15.14 -4.10 -7.67
CA GLY A 337 14.90 -2.68 -7.49
C GLY A 337 16.14 -1.83 -7.68
N GLY A 338 16.13 -0.63 -7.11
CA GLY A 338 17.25 0.28 -7.24
C GLY A 338 16.80 1.72 -7.42
N GLY A 339 17.17 2.31 -8.55
CA GLY A 339 16.77 3.67 -8.85
C GLY A 339 17.69 4.71 -8.23
N ASP A 340 17.69 4.77 -6.91
CA ASP A 340 18.55 5.71 -6.18
C ASP A 340 19.98 5.16 -6.11
N MET A 341 20.90 5.85 -6.77
CA MET A 341 22.26 5.36 -6.90
C MET A 341 23.10 5.51 -5.63
N ARG A 342 22.50 6.05 -4.58
CA ARG A 342 23.18 6.14 -3.29
C ARG A 342 23.38 4.76 -2.69
N ASP A 343 22.39 3.88 -2.90
CA ASP A 343 22.41 2.53 -2.36
C ASP A 343 23.63 1.73 -2.80
N ASN A 344 24.06 1.94 -4.04
CA ASN A 344 25.24 1.29 -4.58
C ASN A 344 26.48 1.60 -3.75
N TRP A 345 26.60 2.87 -3.35
CA TRP A 345 27.78 3.35 -2.66
C TRP A 345 27.65 3.16 -1.15
N ARG A 346 26.47 2.72 -0.72
CA ARG A 346 26.25 2.38 0.69
C ARG A 346 26.74 0.97 0.97
N SER A 347 26.75 0.13 -0.07
CA SER A 347 27.21 -1.25 0.05
C SER A 347 28.74 -1.32 0.05
N GLU A 348 29.38 -0.17 -0.11
CA GLU A 348 30.84 -0.09 -0.09
C GLU A 348 31.30 0.74 1.10
N LEU A 349 30.53 1.75 1.45
CA LEU A 349 30.85 2.64 2.55
C LEU A 349 30.15 2.22 3.84
N TYR A 350 29.60 1.01 3.84
CA TYR A 350 28.89 0.49 5.00
C TYR A 350 29.82 0.31 6.20
N LYS A 351 31.10 0.10 5.91
CA LYS A 351 32.07 -0.23 6.94
C LYS A 351 32.86 1.00 7.39
N TYR A 352 32.42 2.16 6.95
CA TYR A 352 33.12 3.42 7.26
C TYR A 352 32.23 4.44 7.93
N LYS A 353 32.84 5.44 8.55
CA LYS A 353 32.12 6.50 9.25
C LYS A 353 33.05 7.66 9.61
N VAL A 354 32.55 8.88 9.45
CA VAL A 354 33.34 10.08 9.77
C VAL A 354 33.32 10.38 11.26
N VAL A 355 34.50 10.59 11.84
CA VAL A 355 34.63 10.87 13.27
C VAL A 355 35.69 11.94 13.53
N GLU A 356 35.31 12.96 14.29
CA GLU A 356 36.23 14.04 14.64
C GLU A 356 37.14 13.64 15.79
N ILE A 357 38.43 13.94 15.66
CA ILE A 357 39.40 13.66 16.71
C ILE A 357 39.36 14.75 17.77
N LYS A 358 39.57 16.00 17.33
CA LYS A 358 39.53 17.18 18.19
C LYS A 358 40.53 17.10 19.35
N GLN B 1 0.51 24.40 1.87
CA GLN B 1 -0.79 23.73 1.88
C GLN B 1 -0.78 22.50 0.98
N VAL B 2 -0.80 21.31 1.58
CA VAL B 2 -0.77 20.07 0.83
C VAL B 2 -2.17 19.45 0.70
N GLN B 3 -2.59 19.23 -0.54
CA GLN B 3 -3.91 18.66 -0.82
C GLN B 3 -3.82 17.57 -1.87
N LEU B 4 -4.48 16.45 -1.61
CA LEU B 4 -4.54 15.35 -2.58
C LEU B 4 -5.95 15.25 -3.16
N LEU B 5 -6.10 15.59 -4.44
CA LEU B 5 -7.40 15.59 -5.09
C LEU B 5 -7.63 14.35 -5.95
N GLN B 6 -8.61 13.54 -5.57
CA GLN B 6 -8.95 12.33 -6.32
C GLN B 6 -10.05 12.59 -7.35
N SER B 7 -10.24 11.64 -8.26
CA SER B 7 -11.23 11.77 -9.32
C SER B 7 -12.65 11.56 -8.80
N GLY B 8 -13.63 11.79 -9.66
CA GLY B 8 -15.03 11.63 -9.30
C GLY B 8 -15.46 10.17 -9.32
N ALA B 9 -16.62 9.90 -8.71
CA ALA B 9 -17.14 8.54 -8.60
C ALA B 9 -17.28 7.85 -9.95
N ALA B 10 -16.77 6.63 -10.04
CA ALA B 10 -16.77 5.89 -11.30
C ALA B 10 -17.53 4.57 -11.21
N VAL B 11 -18.43 4.36 -12.17
CA VAL B 11 -19.17 3.10 -12.26
C VAL B 11 -18.71 2.30 -13.46
N THR B 12 -18.21 1.09 -13.21
CA THR B 12 -17.64 0.27 -14.26
C THR B 12 -18.24 -1.14 -14.26
N LYS B 13 -18.46 -1.68 -15.45
CA LYS B 13 -18.97 -3.04 -15.61
C LYS B 13 -17.85 -4.04 -15.31
N PRO B 14 -18.22 -5.22 -14.76
CA PRO B 14 -17.23 -6.26 -14.42
C PRO B 14 -16.44 -6.73 -15.63
N GLY B 15 -15.17 -7.03 -15.43
CA GLY B 15 -14.29 -7.45 -16.51
C GLY B 15 -13.54 -6.27 -17.10
N ALA B 16 -14.20 -5.12 -17.16
CA ALA B 16 -13.60 -3.92 -17.69
C ALA B 16 -12.64 -3.27 -16.69
N SER B 17 -11.94 -2.23 -17.12
CA SER B 17 -10.95 -1.57 -16.28
C SER B 17 -11.44 -0.23 -15.75
N VAL B 18 -10.73 0.31 -14.76
CA VAL B 18 -11.05 1.61 -14.22
C VAL B 18 -9.75 2.34 -13.83
N ARG B 19 -9.77 3.66 -13.91
CA ARG B 19 -8.62 4.46 -13.50
C ARG B 19 -8.98 5.46 -12.41
N VAL B 20 -8.22 5.45 -11.33
CA VAL B 20 -8.43 6.38 -10.23
C VAL B 20 -7.23 7.31 -10.08
N SER B 21 -7.44 8.59 -10.36
CA SER B 21 -6.37 9.57 -10.28
C SER B 21 -6.27 10.19 -8.90
N CYS B 22 -5.19 10.93 -8.65
CA CYS B 22 -4.97 11.59 -7.37
C CYS B 22 -3.99 12.75 -7.54
N GLU B 23 -4.54 13.94 -7.77
CA GLU B 23 -3.71 15.12 -7.97
C GLU B 23 -3.04 15.59 -6.69
N ALA B 24 -1.74 15.35 -6.59
CA ALA B 24 -0.96 15.76 -5.43
C ALA B 24 -0.33 17.14 -5.67
N SER B 25 -0.32 17.97 -4.64
CA SER B 25 0.24 19.32 -4.75
C SER B 25 0.61 19.91 -3.40
N GLY B 26 1.41 20.98 -3.42
CA GLY B 26 1.68 21.76 -2.24
C GLY B 26 2.76 21.27 -1.30
N TYR B 27 3.70 20.48 -1.81
CA TYR B 27 4.82 20.00 -1.00
C TYR B 27 5.95 19.41 -1.85
N ASN B 28 7.00 18.95 -1.18
CA ASN B 28 8.12 18.29 -1.84
C ASN B 28 7.72 16.87 -2.22
N ILE B 29 6.98 16.76 -3.33
CA ILE B 29 6.29 15.52 -3.71
C ILE B 29 7.20 14.29 -3.87
N ARG B 30 8.34 14.46 -4.52
CA ARG B 30 9.22 13.34 -4.81
C ARG B 30 9.75 12.61 -3.58
N ASP B 31 9.86 13.32 -2.46
CA ASP B 31 10.48 12.76 -1.27
C ASP B 31 9.55 11.89 -0.42
N TYR B 32 8.31 11.71 -0.86
CA TYR B 32 7.34 10.94 -0.10
C TYR B 32 6.57 9.93 -0.96
N PHE B 33 6.53 8.69 -0.53
CA PHE B 33 5.80 7.65 -1.25
C PHE B 33 4.30 7.83 -1.12
N ILE B 34 3.57 7.54 -2.19
CA ILE B 34 2.12 7.60 -2.17
C ILE B 34 1.52 6.20 -2.11
N HIS B 35 0.76 5.93 -1.07
CA HIS B 35 0.15 4.61 -0.89
C HIS B 35 -1.32 4.62 -1.29
N TRP B 36 -1.84 3.45 -1.63
CA TRP B 36 -3.25 3.32 -1.98
C TRP B 36 -3.97 2.36 -1.02
N TRP B 37 -5.20 2.72 -0.68
CA TRP B 37 -6.01 1.89 0.20
C TRP B 37 -7.42 1.80 -0.37
N ARG B 38 -8.10 0.68 -0.14
CA ARG B 38 -9.49 0.56 -0.54
C ARG B 38 -10.40 0.20 0.62
N GLN B 39 -11.63 0.71 0.60
CA GLN B 39 -12.54 0.50 1.72
C GLN B 39 -13.91 -0.04 1.30
N ALA B 40 -14.08 -1.34 1.45
CA ALA B 40 -15.37 -2.00 1.25
C ALA B 40 -16.29 -1.61 2.40
N PRO B 41 -17.63 -1.68 2.18
CA PRO B 41 -18.54 -1.26 3.26
C PRO B 41 -18.23 -1.94 4.59
N GLY B 42 -17.96 -1.13 5.60
CA GLY B 42 -17.58 -1.65 6.91
C GLY B 42 -16.16 -2.17 6.88
N GLN B 43 -15.95 -3.35 7.46
CA GLN B 43 -14.65 -4.02 7.43
C GLN B 43 -13.51 -3.11 7.89
N GLY B 44 -12.33 -3.32 7.31
CA GLY B 44 -11.18 -2.49 7.62
C GLY B 44 -10.44 -2.08 6.36
N LEU B 45 -9.56 -1.09 6.49
CA LEU B 45 -8.78 -0.62 5.36
C LEU B 45 -7.90 -1.72 4.79
N GLN B 46 -7.84 -1.79 3.47
CA GLN B 46 -7.04 -2.80 2.78
C GLN B 46 -5.92 -2.14 1.96
N TRP B 47 -4.69 -2.53 2.25
CA TRP B 47 -3.52 -1.96 1.60
C TRP B 47 -3.42 -2.39 0.13
N VAL B 48 -3.47 -1.42 -0.76
CA VAL B 48 -3.38 -1.69 -2.19
C VAL B 48 -1.93 -1.63 -2.65
N GLY B 49 -1.13 -0.78 -2.01
CA GLY B 49 0.27 -0.67 -2.33
C GLY B 49 0.79 0.75 -2.41
N TRP B 50 2.11 0.90 -2.51
CA TRP B 50 2.72 2.22 -2.66
C TRP B 50 3.42 2.39 -4.01
N ILE B 51 3.77 3.63 -4.33
CA ILE B 51 4.49 3.94 -5.55
C ILE B 51 5.53 5.03 -5.31
N ASN B 52 6.74 4.81 -5.81
CA ASN B 52 7.80 5.81 -5.72
C ASN B 52 7.63 6.87 -6.80
N PRO B 53 7.36 8.12 -6.40
CA PRO B 53 7.09 9.23 -7.33
C PRO B 53 8.18 9.43 -8.37
N LYS B 54 9.42 9.55 -7.92
CA LYS B 54 10.54 9.80 -8.81
C LYS B 54 10.85 8.61 -9.72
N THR B 55 10.82 7.42 -9.15
CA THR B 55 11.17 6.20 -9.88
C THR B 55 10.00 5.64 -10.68
N GLY B 56 8.84 5.52 -10.04
CA GLY B 56 7.68 4.92 -10.65
C GLY B 56 7.51 3.49 -10.18
N GLN B 57 8.41 3.07 -9.29
CA GLN B 57 8.42 1.71 -8.77
C GLN B 57 7.23 1.45 -7.85
N PRO B 58 6.37 0.50 -8.22
CA PRO B 58 5.20 0.12 -7.43
C PRO B 58 5.49 -1.08 -6.53
N ASN B 59 4.65 -1.27 -5.52
CA ASN B 59 4.76 -2.42 -4.63
C ASN B 59 3.38 -2.88 -4.19
N ASN B 60 2.89 -3.95 -4.81
CA ASN B 60 1.55 -4.44 -4.54
C ASN B 60 1.56 -5.82 -3.89
N PRO B 61 0.53 -6.13 -3.09
CA PRO B 61 0.39 -7.48 -2.55
C PRO B 61 0.02 -8.46 -3.65
N ARG B 62 0.33 -9.74 -3.46
CA ARG B 62 0.12 -10.76 -4.48
C ARG B 62 -1.34 -10.87 -4.93
N GLN B 63 -2.26 -10.49 -4.05
CA GLN B 63 -3.68 -10.52 -4.37
C GLN B 63 -4.06 -9.43 -5.40
N PHE B 64 -3.12 -8.54 -5.68
CA PHE B 64 -3.35 -7.45 -6.62
C PHE B 64 -2.35 -7.44 -7.76
N GLN B 65 -1.22 -8.11 -7.56
CA GLN B 65 -0.16 -8.15 -8.56
C GLN B 65 -0.63 -8.82 -9.86
N GLY B 66 -0.77 -8.01 -10.90
CA GLY B 66 -1.26 -8.50 -12.18
C GLY B 66 -2.48 -7.72 -12.63
N ARG B 67 -3.39 -7.47 -11.70
CA ARG B 67 -4.62 -6.75 -12.00
C ARG B 67 -4.46 -5.24 -11.80
N VAL B 68 -3.51 -4.85 -10.96
CA VAL B 68 -3.32 -3.43 -10.66
C VAL B 68 -1.95 -2.93 -11.14
N SER B 69 -1.91 -1.65 -11.52
CA SER B 69 -0.67 -1.01 -11.95
C SER B 69 -0.66 0.45 -11.50
N LEU B 70 0.34 0.82 -10.71
CA LEU B 70 0.47 2.17 -10.20
C LEU B 70 1.45 2.99 -11.03
N THR B 71 0.97 4.09 -11.61
CA THR B 71 1.80 4.96 -12.43
C THR B 71 1.77 6.39 -11.92
N ARG B 72 2.54 7.27 -12.57
CA ARG B 72 2.54 8.68 -12.21
C ARG B 72 2.84 9.58 -13.40
N HIS B 73 2.52 10.86 -13.25
CA HIS B 73 2.77 11.86 -14.30
C HIS B 73 3.16 13.20 -13.70
N ALA B 74 4.35 13.67 -14.05
CA ALA B 74 4.86 14.95 -13.54
C ALA B 74 4.23 16.11 -14.29
N SER B 75 4.52 17.33 -13.83
CA SER B 75 4.02 18.53 -14.48
C SER B 75 5.16 19.34 -15.08
N TRP B 76 4.91 20.63 -15.30
CA TRP B 76 5.92 21.53 -15.83
C TRP B 76 7.02 21.76 -14.80
N ASP B 77 6.71 22.52 -13.75
CA ASP B 77 7.65 22.76 -12.67
C ASP B 77 7.41 21.81 -11.51
N PHE B 78 6.79 20.67 -11.82
CA PHE B 78 6.57 19.60 -10.85
C PHE B 78 5.75 20.03 -9.63
N ASP B 79 4.91 21.05 -9.82
CA ASP B 79 4.05 21.53 -8.75
C ASP B 79 2.77 20.69 -8.71
N THR B 80 2.58 19.86 -9.72
CA THR B 80 1.40 19.01 -9.81
C THR B 80 1.79 17.58 -10.18
N TYR B 81 1.41 16.63 -9.33
CA TYR B 81 1.67 15.22 -9.59
C TYR B 81 0.36 14.45 -9.75
N SER B 82 0.25 13.72 -10.85
CA SER B 82 -0.94 12.90 -11.10
C SER B 82 -0.63 11.43 -10.86
N PHE B 83 -1.13 10.89 -9.76
CA PHE B 83 -0.93 9.49 -9.43
C PHE B 83 -2.12 8.64 -9.91
N TYR B 84 -1.87 7.77 -10.87
CA TYR B 84 -2.92 6.95 -11.45
C TYR B 84 -2.88 5.52 -10.94
N MET B 85 -4.05 5.01 -10.56
CA MET B 85 -4.20 3.59 -10.22
C MET B 85 -5.12 2.91 -11.21
N ASP B 86 -4.59 1.95 -11.96
CA ASP B 86 -5.36 1.21 -12.94
C ASP B 86 -5.63 -0.21 -12.46
N LEU B 87 -6.91 -0.60 -12.48
CA LEU B 87 -7.30 -1.95 -12.11
C LEU B 87 -7.89 -2.66 -13.32
N LYS B 88 -7.16 -3.65 -13.84
CA LYS B 88 -7.52 -4.26 -15.12
C LYS B 88 -8.85 -5.01 -15.12
N ALA B 89 -8.87 -6.23 -14.60
CA ALA B 89 -10.05 -7.06 -14.62
C ALA B 89 -10.88 -6.90 -13.36
N LEU B 90 -11.95 -6.12 -13.44
CA LEU B 90 -12.79 -5.84 -12.28
C LEU B 90 -13.75 -6.99 -11.96
N ARG B 91 -13.89 -7.29 -10.67
CA ARG B 91 -14.83 -8.32 -10.21
C ARG B 91 -15.83 -7.73 -9.23
N SER B 92 -16.68 -8.57 -8.67
CA SER B 92 -17.75 -8.13 -7.79
C SER B 92 -17.24 -7.47 -6.51
N ASP B 93 -16.23 -8.07 -5.87
CA ASP B 93 -15.73 -7.58 -4.60
C ASP B 93 -14.67 -6.49 -4.74
N ASP B 94 -14.53 -5.95 -5.95
CA ASP B 94 -13.65 -4.80 -6.18
C ASP B 94 -14.40 -3.50 -5.94
N THR B 95 -15.70 -3.62 -5.68
CA THR B 95 -16.54 -2.46 -5.41
C THR B 95 -16.23 -1.87 -4.03
N ALA B 96 -15.62 -0.69 -4.03
CA ALA B 96 -15.23 -0.03 -2.78
C ALA B 96 -14.83 1.43 -3.02
N VAL B 97 -14.41 2.09 -1.93
CA VAL B 97 -13.86 3.43 -2.02
C VAL B 97 -12.34 3.33 -1.86
N TYR B 98 -11.61 3.89 -2.83
CA TYR B 98 -10.16 3.84 -2.81
C TYR B 98 -9.56 5.14 -2.28
N PHE B 99 -8.54 5.03 -1.42
CA PHE B 99 -7.97 6.20 -0.78
C PHE B 99 -6.50 6.45 -1.11
N CYS B 100 -6.24 7.56 -1.77
CA CYS B 100 -4.87 8.00 -2.06
C CYS B 100 -4.30 8.71 -0.83
N ALA B 101 -3.24 8.14 -0.26
CA ALA B 101 -2.65 8.69 0.95
C ALA B 101 -1.15 8.89 0.80
N ARG B 102 -0.57 9.69 1.69
CA ARG B 102 0.84 10.02 1.63
C ARG B 102 1.63 9.48 2.82
N GLN B 103 2.73 8.78 2.53
CA GLN B 103 3.62 8.30 3.57
C GLN B 103 4.57 9.41 3.98
N ARG B 104 4.34 9.98 5.17
CA ARG B 104 5.14 11.11 5.64
C ARG B 104 6.54 10.69 6.10
N SER B 105 6.62 9.62 6.88
CA SER B 105 7.90 9.17 7.42
C SER B 105 8.05 7.66 7.38
N ASP B 106 9.14 7.16 7.96
CA ASP B 106 9.39 5.72 8.01
C ASP B 106 8.52 5.04 9.08
N TYR B 107 7.77 5.84 9.82
CA TYR B 107 6.82 5.31 10.80
C TYR B 107 5.55 4.84 10.11
N TRP B 108 5.48 5.06 8.80
CA TRP B 108 4.28 4.77 8.02
C TRP B 108 3.06 5.54 8.53
N ASP B 109 3.26 6.81 8.87
CA ASP B 109 2.18 7.67 9.29
C ASP B 109 1.61 8.42 8.09
N PHE B 110 0.29 8.33 7.91
CA PHE B 110 -0.36 8.95 6.77
C PHE B 110 -1.19 10.17 7.21
N ASP B 111 -0.61 11.35 7.01
CA ASP B 111 -1.22 12.60 7.49
C ASP B 111 -2.22 13.19 6.49
N VAL B 112 -1.99 13.00 5.20
CA VAL B 112 -2.86 13.56 4.18
C VAL B 112 -3.53 12.47 3.33
N TRP B 113 -4.85 12.46 3.34
CA TRP B 113 -5.63 11.49 2.57
C TRP B 113 -6.54 12.21 1.57
N GLY B 114 -6.92 11.50 0.50
CA GLY B 114 -7.86 12.04 -0.45
C GLY B 114 -9.28 11.87 0.06
N SER B 115 -10.23 12.52 -0.60
CA SER B 115 -11.63 12.40 -0.22
C SER B 115 -12.18 11.02 -0.55
N GLY B 116 -11.52 10.35 -1.50
CA GLY B 116 -11.92 9.01 -1.91
C GLY B 116 -12.86 9.04 -3.11
N THR B 117 -12.82 7.97 -3.89
CA THR B 117 -13.68 7.86 -5.06
C THR B 117 -14.47 6.55 -5.00
N GLN B 118 -15.79 6.65 -5.16
CA GLN B 118 -16.65 5.48 -5.16
C GLN B 118 -16.52 4.67 -6.44
N VAL B 119 -15.92 3.49 -6.33
CA VAL B 119 -15.81 2.57 -7.45
C VAL B 119 -16.82 1.45 -7.31
N THR B 120 -17.88 1.51 -8.11
CA THR B 120 -18.95 0.52 -8.05
C THR B 120 -18.93 -0.38 -9.27
N VAL B 121 -18.55 -1.65 -9.07
CA VAL B 121 -18.50 -2.60 -10.16
C VAL B 121 -19.88 -3.22 -10.41
N SER B 122 -20.52 -2.80 -11.50
CA SER B 122 -21.84 -3.28 -11.84
C SER B 122 -22.16 -3.02 -13.31
N SER B 123 -23.03 -3.85 -13.87
CA SER B 123 -23.47 -3.68 -15.26
C SER B 123 -24.98 -3.68 -15.34
N ALA B 124 -25.61 -2.73 -14.65
CA ALA B 124 -27.06 -2.67 -14.58
C ALA B 124 -27.62 -1.51 -15.41
N SER B 125 -26.73 -0.78 -16.07
CA SER B 125 -27.11 0.41 -16.86
C SER B 125 -27.88 1.41 -16.01
N THR B 126 -29.16 1.59 -16.33
CA THR B 126 -30.03 2.46 -15.54
C THR B 126 -31.46 1.91 -15.51
N LYS B 127 -31.93 1.58 -14.30
CA LYS B 127 -33.25 1.00 -14.13
C LYS B 127 -33.97 1.60 -12.93
N GLY B 128 -35.30 1.69 -13.03
CA GLY B 128 -36.11 2.17 -11.91
C GLY B 128 -36.27 1.10 -10.84
N PRO B 129 -36.83 1.49 -9.69
CA PRO B 129 -37.02 0.58 -8.56
C PRO B 129 -38.35 -0.19 -8.64
N SER B 130 -38.40 -1.32 -7.96
CA SER B 130 -39.64 -2.11 -7.87
C SER B 130 -40.15 -2.05 -6.43
N VAL B 131 -41.28 -1.38 -6.24
CA VAL B 131 -41.82 -1.17 -4.90
C VAL B 131 -42.76 -2.29 -4.47
N PHE B 132 -42.41 -2.98 -3.38
CA PHE B 132 -43.21 -4.07 -2.86
C PHE B 132 -43.64 -3.81 -1.41
N PRO B 133 -44.90 -4.10 -1.09
CA PRO B 133 -45.49 -3.80 0.22
C PRO B 133 -45.02 -4.72 1.35
N LEU B 134 -44.95 -4.16 2.56
CA LEU B 134 -44.59 -4.94 3.75
C LEU B 134 -45.74 -4.88 4.75
N ALA B 135 -46.43 -6.00 4.91
CA ALA B 135 -47.60 -6.05 5.79
C ALA B 135 -47.67 -7.36 6.57
N PRO B 136 -48.18 -7.29 7.81
CA PRO B 136 -48.35 -8.48 8.66
C PRO B 136 -49.58 -9.30 8.28
N SER B 137 -49.37 -10.50 7.77
CA SER B 137 -50.47 -11.39 7.39
C SER B 137 -51.29 -11.80 8.62
N SER B 138 -50.60 -12.31 9.64
CA SER B 138 -51.25 -12.69 10.88
C SER B 138 -51.05 -11.59 11.92
N LYS B 139 -52.13 -11.19 12.58
CA LYS B 139 -52.09 -10.10 13.55
C LYS B 139 -51.78 -10.64 14.95
N SER B 140 -50.50 -10.66 15.29
CA SER B 140 -50.07 -11.12 16.61
C SER B 140 -49.43 -9.99 17.39
N THR B 141 -50.19 -8.92 17.61
CA THR B 141 -49.74 -7.72 18.33
C THR B 141 -48.60 -6.97 17.62
N SER B 142 -47.66 -7.72 17.05
CA SER B 142 -46.50 -7.16 16.37
C SER B 142 -45.65 -6.28 17.30
N THR B 145 -48.27 -0.10 18.80
CA THR B 145 -47.22 -1.09 18.62
C THR B 145 -47.44 -1.88 17.33
N ALA B 146 -47.04 -1.30 16.21
CA ALA B 146 -47.19 -1.94 14.91
C ALA B 146 -46.24 -1.32 13.90
N ALA B 147 -45.71 -2.14 13.01
CA ALA B 147 -44.76 -1.66 12.01
C ALA B 147 -45.03 -2.20 10.61
N LEU B 148 -44.88 -1.33 9.62
CA LEU B 148 -45.03 -1.72 8.22
C LEU B 148 -44.18 -0.80 7.34
N GLY B 149 -44.02 -1.16 6.07
CA GLY B 149 -43.21 -0.36 5.17
C GLY B 149 -43.27 -0.77 3.71
N CYS B 150 -42.29 -0.31 2.94
CA CYS B 150 -42.17 -0.66 1.53
C CYS B 150 -40.79 -1.25 1.26
N LEU B 151 -40.63 -1.81 0.07
CA LEU B 151 -39.36 -2.43 -0.30
C LEU B 151 -38.86 -1.93 -1.65
N VAL B 152 -37.80 -1.13 -1.63
CA VAL B 152 -37.18 -0.65 -2.86
C VAL B 152 -36.20 -1.70 -3.38
N LYS B 153 -36.50 -2.27 -4.55
CA LYS B 153 -35.76 -3.42 -5.04
C LYS B 153 -35.28 -3.27 -6.48
N ASP B 154 -34.04 -3.67 -6.72
CA ASP B 154 -33.47 -3.74 -8.07
C ASP B 154 -33.50 -2.42 -8.83
N TYR B 155 -32.73 -1.44 -8.38
CA TYR B 155 -32.61 -0.17 -9.07
C TYR B 155 -31.15 0.24 -9.24
N PHE B 156 -30.91 1.21 -10.12
CA PHE B 156 -29.56 1.69 -10.37
C PHE B 156 -29.59 3.03 -11.09
N PRO B 157 -28.79 4.00 -10.62
CA PRO B 157 -27.93 3.86 -9.44
C PRO B 157 -28.54 4.57 -8.25
N GLU B 158 -27.69 4.91 -7.27
CA GLU B 158 -28.10 5.70 -6.12
C GLU B 158 -28.49 7.11 -6.57
N PRO B 159 -29.34 7.80 -5.78
CA PRO B 159 -30.02 7.32 -4.58
C PRO B 159 -31.53 7.20 -4.77
N VAL B 160 -32.23 6.95 -3.66
CA VAL B 160 -33.69 6.91 -3.67
C VAL B 160 -34.24 7.63 -2.44
N THR B 161 -35.04 8.67 -2.68
CA THR B 161 -35.66 9.41 -1.58
C THR B 161 -37.02 8.80 -1.23
N VAL B 162 -37.20 8.50 0.05
CA VAL B 162 -38.43 7.87 0.52
C VAL B 162 -39.19 8.78 1.48
N SER B 163 -40.43 9.11 1.12
CA SER B 163 -41.28 9.93 1.97
C SER B 163 -42.60 9.23 2.25
N TRP B 164 -43.08 9.34 3.49
CA TRP B 164 -44.33 8.70 3.89
C TRP B 164 -45.48 9.68 3.96
N ASN B 165 -46.61 9.31 3.37
CA ASN B 165 -47.80 10.15 3.30
C ASN B 165 -47.51 11.53 2.74
N SER B 166 -46.73 11.56 1.65
CA SER B 166 -46.34 12.81 0.99
C SER B 166 -45.58 13.75 1.93
N GLY B 167 -44.81 13.17 2.85
CA GLY B 167 -43.98 13.95 3.74
C GLY B 167 -44.62 14.25 5.09
N ALA B 168 -45.87 13.82 5.27
CA ALA B 168 -46.60 14.08 6.49
C ALA B 168 -46.06 13.28 7.67
N LEU B 169 -45.88 11.97 7.47
CA LEU B 169 -45.43 11.08 8.53
C LEU B 169 -43.91 11.07 8.65
N THR B 170 -43.41 11.54 9.79
CA THR B 170 -41.98 11.59 10.05
C THR B 170 -41.63 10.89 11.36
N SER B 171 -42.64 10.69 12.20
CA SER B 171 -42.42 10.08 13.52
C SER B 171 -42.21 8.58 13.44
N GLY B 172 -41.01 8.13 13.80
CA GLY B 172 -40.70 6.71 13.81
C GLY B 172 -40.32 6.17 12.44
N VAL B 173 -40.10 7.07 11.49
CA VAL B 173 -39.74 6.67 10.14
C VAL B 173 -38.26 6.29 10.05
N HIS B 174 -37.99 5.06 9.64
CA HIS B 174 -36.62 4.59 9.48
C HIS B 174 -36.33 4.13 8.05
N THR B 175 -35.54 4.91 7.34
CA THR B 175 -35.09 4.53 6.00
C THR B 175 -33.71 3.90 6.09
N PHE B 176 -33.60 2.66 5.62
CA PHE B 176 -32.35 1.92 5.71
C PHE B 176 -31.43 2.20 4.53
N PRO B 177 -30.12 2.29 4.81
CA PRO B 177 -29.08 2.47 3.78
C PRO B 177 -29.13 1.31 2.77
N ALA B 178 -29.08 1.64 1.49
CA ALA B 178 -29.17 0.63 0.44
C ALA B 178 -27.93 -0.25 0.39
N VAL B 179 -28.14 -1.52 0.10
CA VAL B 179 -27.02 -2.45 -0.05
C VAL B 179 -26.97 -3.00 -1.47
N LEU B 180 -25.77 -3.03 -2.04
CA LEU B 180 -25.59 -3.50 -3.41
C LEU B 180 -25.67 -5.03 -3.48
N GLN B 181 -26.70 -5.53 -4.15
CA GLN B 181 -26.90 -6.97 -4.29
C GLN B 181 -25.83 -7.60 -5.18
N SER B 182 -25.83 -8.92 -5.24
CA SER B 182 -24.88 -9.66 -6.08
C SER B 182 -25.26 -9.53 -7.55
N SER B 183 -26.49 -9.11 -7.81
CA SER B 183 -26.97 -8.96 -9.18
C SER B 183 -26.51 -7.65 -9.80
N GLY B 184 -25.91 -6.78 -8.98
CA GLY B 184 -25.45 -5.49 -9.44
C GLY B 184 -26.54 -4.44 -9.38
N LEU B 185 -27.52 -4.69 -8.52
CA LEU B 185 -28.64 -3.77 -8.34
C LEU B 185 -28.80 -3.41 -6.87
N TYR B 186 -29.12 -2.15 -6.60
CA TYR B 186 -29.31 -1.68 -5.22
C TYR B 186 -30.67 -2.09 -4.67
N SER B 187 -30.78 -2.14 -3.35
CA SER B 187 -32.02 -2.51 -2.69
C SER B 187 -32.07 -2.03 -1.24
N LEU B 188 -33.03 -1.16 -0.94
CA LEU B 188 -33.23 -0.70 0.43
C LEU B 188 -34.69 -0.88 0.85
N SER B 189 -34.93 -0.72 2.15
CA SER B 189 -36.28 -0.79 2.68
C SER B 189 -36.51 0.32 3.70
N SER B 190 -37.74 0.79 3.79
CA SER B 190 -38.09 1.83 4.74
C SER B 190 -39.32 1.45 5.54
N VAL B 191 -39.18 1.39 6.85
CA VAL B 191 -40.27 0.99 7.73
C VAL B 191 -40.65 2.10 8.71
N VAL B 192 -41.91 2.11 9.12
CA VAL B 192 -42.39 3.08 10.11
C VAL B 192 -43.21 2.37 11.18
N THR B 193 -43.04 2.79 12.43
CA THR B 193 -43.85 2.26 13.52
C THR B 193 -45.17 3.00 13.64
N VAL B 194 -46.28 2.28 13.47
CA VAL B 194 -47.61 2.87 13.52
C VAL B 194 -48.38 2.35 14.74
N PRO B 195 -49.37 3.11 15.21
CA PRO B 195 -50.22 2.63 16.29
C PRO B 195 -50.98 1.38 15.88
N SER B 196 -51.26 0.49 16.84
CA SER B 196 -51.91 -0.77 16.56
C SER B 196 -53.33 -0.61 16.03
N SER B 197 -54.02 0.42 16.49
CA SER B 197 -55.41 0.63 16.12
C SER B 197 -55.56 1.57 14.91
N SER B 198 -54.44 1.97 14.32
CA SER B 198 -54.47 2.92 13.22
C SER B 198 -54.86 2.28 11.88
N LEU B 199 -54.68 0.97 11.77
CA LEU B 199 -55.01 0.27 10.53
C LEU B 199 -56.49 0.35 10.19
N GLY B 200 -56.80 0.66 8.95
CA GLY B 200 -58.18 0.77 8.50
C GLY B 200 -58.70 2.19 8.61
N THR B 201 -58.48 2.80 9.76
CA THR B 201 -58.93 4.17 10.00
C THR B 201 -57.86 5.18 9.60
N GLN B 202 -56.86 4.71 8.87
CA GLN B 202 -55.78 5.57 8.40
C GLN B 202 -55.17 5.03 7.12
N THR B 203 -54.94 5.93 6.15
CA THR B 203 -54.33 5.55 4.88
C THR B 203 -52.81 5.71 4.93
N TYR B 204 -52.11 4.61 4.69
CA TYR B 204 -50.64 4.64 4.69
C TYR B 204 -50.08 4.51 3.29
N ILE B 205 -49.49 5.60 2.80
CA ILE B 205 -48.92 5.65 1.46
C ILE B 205 -47.45 6.05 1.47
N CYS B 206 -46.60 5.22 0.88
CA CYS B 206 -45.18 5.54 0.76
C CYS B 206 -44.89 6.11 -0.61
N ASN B 207 -43.89 7.00 -0.67
CA ASN B 207 -43.53 7.63 -1.93
C ASN B 207 -42.06 7.41 -2.27
N VAL B 208 -41.81 6.45 -3.15
CA VAL B 208 -40.45 6.13 -3.58
C VAL B 208 -40.06 6.92 -4.82
N ASN B 209 -38.95 7.65 -4.72
CA ASN B 209 -38.49 8.46 -5.85
C ASN B 209 -37.11 8.03 -6.34
N HIS B 210 -37.00 7.79 -7.64
CA HIS B 210 -35.72 7.48 -8.26
C HIS B 210 -35.43 8.47 -9.37
N LYS B 211 -34.81 9.58 -9.00
CA LYS B 211 -34.51 10.68 -9.92
C LYS B 211 -33.64 10.34 -11.14
N PRO B 212 -32.59 9.52 -10.96
CA PRO B 212 -31.79 9.13 -12.14
C PRO B 212 -32.62 8.54 -13.29
N SER B 213 -33.46 7.56 -12.99
CA SER B 213 -34.30 6.95 -14.00
C SER B 213 -35.65 7.65 -14.12
N ASN B 214 -35.78 8.77 -13.42
CA ASN B 214 -37.01 9.56 -13.40
C ASN B 214 -38.24 8.73 -13.01
N THR B 215 -38.09 7.92 -11.97
CA THR B 215 -39.17 7.04 -11.54
C THR B 215 -39.69 7.39 -10.15
N LYS B 216 -40.98 7.70 -10.06
CA LYS B 216 -41.62 7.97 -8.77
C LYS B 216 -42.89 7.16 -8.62
N VAL B 217 -42.93 6.32 -7.59
CA VAL B 217 -44.03 5.39 -7.40
C VAL B 217 -44.69 5.54 -6.04
N ASP B 218 -46.01 5.73 -6.05
CA ASP B 218 -46.80 5.76 -4.82
C ASP B 218 -47.39 4.39 -4.54
N LYS B 219 -47.28 3.92 -3.31
CA LYS B 219 -47.75 2.59 -2.95
C LYS B 219 -48.56 2.60 -1.66
N LYS B 220 -49.66 1.87 -1.64
CA LYS B 220 -50.51 1.77 -0.46
C LYS B 220 -50.40 0.38 0.15
N VAL B 221 -50.08 0.33 1.44
CA VAL B 221 -49.84 -0.95 2.11
C VAL B 221 -50.83 -1.23 3.24
N GLU B 222 -51.49 -2.38 3.16
CA GLU B 222 -52.39 -2.83 4.22
C GLU B 222 -52.68 -4.33 4.07
N PRO B 223 -52.68 -5.04 5.20
CA PRO B 223 -52.97 -6.49 5.21
C PRO B 223 -54.47 -6.76 5.15
N ASP C 1 5.81 -10.79 8.77
CA ASP C 1 4.99 -11.40 9.81
C ASP C 1 4.71 -10.43 10.95
N ILE C 2 3.65 -9.64 10.81
CA ILE C 2 3.28 -8.67 11.83
C ILE C 2 1.96 -9.03 12.50
N GLN C 3 1.99 -9.19 13.81
CA GLN C 3 0.80 -9.55 14.57
C GLN C 3 0.24 -8.33 15.29
N MET C 4 -1.02 -8.00 15.00
CA MET C 4 -1.67 -6.88 15.67
C MET C 4 -3.13 -7.16 16.00
N THR C 5 -3.49 -6.97 17.27
CA THR C 5 -4.86 -7.14 17.73
C THR C 5 -5.29 -5.90 18.50
N GLN C 6 -6.58 -5.57 18.41
CA GLN C 6 -7.09 -4.36 19.05
C GLN C 6 -8.36 -4.63 19.85
N SER C 7 -8.37 -4.17 21.10
CA SER C 7 -9.53 -4.32 21.97
C SER C 7 -9.97 -2.97 22.52
N PRO C 8 -11.29 -2.77 22.67
CA PRO C 8 -12.33 -3.73 22.31
C PRO C 8 -12.93 -3.41 20.94
N SER C 9 -13.87 -4.23 20.49
CA SER C 9 -14.57 -3.98 19.24
C SER C 9 -15.65 -2.93 19.46
N SER C 10 -16.57 -3.22 20.37
CA SER C 10 -17.63 -2.29 20.72
C SER C 10 -17.20 -1.44 21.92
N LEU C 11 -17.63 -0.18 21.93
CA LEU C 11 -17.28 0.73 23.01
C LEU C 11 -18.31 1.85 23.16
N SER C 12 -18.68 2.14 24.41
CA SER C 12 -19.70 3.13 24.68
C SER C 12 -19.33 4.02 25.87
N ALA C 13 -19.50 5.33 25.69
CA ALA C 13 -19.19 6.29 26.74
C ALA C 13 -20.04 7.54 26.61
N SER C 14 -20.15 8.31 27.69
CA SER C 14 -20.89 9.56 27.68
C SER C 14 -19.94 10.73 27.43
N VAL C 15 -20.51 11.93 27.34
CA VAL C 15 -19.71 13.13 27.09
C VAL C 15 -18.89 13.49 28.33
N GLY C 16 -17.62 13.82 28.11
CA GLY C 16 -16.74 14.20 29.21
C GLY C 16 -16.13 13.00 29.92
N ASP C 17 -16.33 11.82 29.35
CA ASP C 17 -15.80 10.60 29.93
C ASP C 17 -14.37 10.35 29.47
N THR C 18 -13.60 9.64 30.28
CA THR C 18 -12.23 9.28 29.93
C THR C 18 -12.19 7.87 29.36
N VAL C 19 -11.79 7.76 28.09
CA VAL C 19 -11.87 6.49 27.37
C VAL C 19 -10.49 5.94 27.02
N THR C 20 -10.37 4.63 26.94
CA THR C 20 -9.10 3.97 26.65
C THR C 20 -9.28 2.74 25.76
N ILE C 21 -8.50 2.66 24.69
CA ILE C 21 -8.46 1.46 23.84
C ILE C 21 -7.03 0.91 23.72
N THR C 22 -6.94 -0.40 23.54
CA THR C 22 -5.63 -1.07 23.54
C THR C 22 -5.39 -1.82 22.23
N CYS C 23 -4.14 -1.78 21.76
CA CYS C 23 -3.77 -2.48 20.54
C CYS C 23 -2.39 -3.12 20.66
N GLN C 24 -2.37 -4.44 20.81
CA GLN C 24 -1.13 -5.20 20.86
C GLN C 24 -0.48 -5.24 19.48
N ALA C 25 0.79 -4.85 19.42
CA ALA C 25 1.50 -4.83 18.13
C ALA C 25 3.01 -4.96 18.31
N ASN C 26 3.68 -5.43 17.26
CA ASN C 26 5.13 -5.61 17.29
C ASN C 26 5.85 -4.74 16.28
N GLY C 27 5.31 -3.55 16.03
CA GLY C 27 5.89 -2.62 15.08
C GLY C 27 5.42 -1.20 15.30
N TYR C 28 5.88 -0.29 14.45
CA TYR C 28 5.48 1.12 14.52
C TYR C 28 3.97 1.27 14.37
N LEU C 29 3.32 1.68 15.45
CA LEU C 29 1.86 1.79 15.46
C LEU C 29 1.40 3.24 15.34
N ASN C 30 0.33 3.43 14.57
CA ASN C 30 -0.30 4.74 14.42
C ASN C 30 -1.81 4.65 14.68
N TRP C 31 -2.33 5.63 15.41
CA TRP C 31 -3.76 5.67 15.70
C TRP C 31 -4.49 6.58 14.71
N TYR C 32 -5.67 6.13 14.28
CA TYR C 32 -6.45 6.89 13.31
C TYR C 32 -7.90 7.04 13.74
N GLN C 33 -8.53 8.11 13.27
CA GLN C 33 -9.96 8.33 13.48
C GLN C 33 -10.66 8.44 12.14
N GLN C 34 -11.72 7.65 11.96
CA GLN C 34 -12.47 7.71 10.71
C GLN C 34 -13.95 7.94 10.94
N ARG C 35 -14.45 9.08 10.48
CA ARG C 35 -15.87 9.38 10.54
C ARG C 35 -16.56 8.62 9.41
N ARG C 36 -17.88 8.46 9.53
CA ARG C 36 -18.63 7.66 8.57
C ARG C 36 -18.57 8.21 7.14
N GLY C 37 -18.16 7.37 6.21
CA GLY C 37 -18.12 7.73 4.79
C GLY C 37 -17.08 8.77 4.45
N LYS C 38 -16.02 8.83 5.26
CA LYS C 38 -14.93 9.77 5.02
C LYS C 38 -13.55 9.16 5.23
N ALA C 39 -12.52 9.91 4.87
CA ALA C 39 -11.15 9.45 5.00
C ALA C 39 -10.69 9.44 6.45
N PRO C 40 -9.79 8.51 6.80
CA PRO C 40 -9.25 8.43 8.16
C PRO C 40 -8.40 9.65 8.53
N LYS C 41 -8.39 10.01 9.81
CA LYS C 41 -7.62 11.14 10.29
C LYS C 41 -6.54 10.69 11.28
N LEU C 42 -5.31 11.12 11.05
CA LEU C 42 -4.19 10.74 11.90
C LEU C 42 -4.24 11.45 13.25
N LEU C 43 -4.00 10.70 14.32
CA LEU C 43 -4.06 11.25 15.67
C LEU C 43 -2.73 11.07 16.40
N ILE C 44 -2.32 9.81 16.57
CA ILE C 44 -1.10 9.49 17.28
C ILE C 44 -0.17 8.64 16.42
N TYR C 45 1.09 9.04 16.31
CA TYR C 45 2.08 8.25 15.60
C TYR C 45 3.23 7.87 16.53
N ASP C 46 3.89 6.76 16.21
CA ASP C 46 4.93 6.18 17.05
C ASP C 46 4.39 5.81 18.43
N GLY C 47 3.08 5.62 18.51
CA GLY C 47 2.43 5.18 19.74
C GLY C 47 2.23 6.27 20.78
N SER C 48 2.96 7.37 20.65
CA SER C 48 2.92 8.43 21.65
C SER C 48 2.80 9.83 21.05
N LYS C 49 3.59 10.08 20.01
CA LYS C 49 3.68 11.41 19.41
C LYS C 49 2.35 11.92 18.87
N LEU C 50 1.93 13.10 19.35
CA LEU C 50 0.66 13.69 18.98
C LEU C 50 0.74 14.44 17.64
N GLU C 51 -0.24 14.20 16.78
CA GLU C 51 -0.31 14.88 15.49
C GLU C 51 -0.66 16.35 15.68
N ARG C 52 -0.06 17.22 14.88
CA ARG C 52 -0.35 18.65 14.95
C ARG C 52 -1.79 18.93 14.56
N GLY C 53 -2.42 19.85 15.29
CA GLY C 53 -3.79 20.24 15.00
C GLY C 53 -4.82 19.33 15.64
N VAL C 54 -4.35 18.32 16.36
CA VAL C 54 -5.23 17.37 17.05
C VAL C 54 -5.38 17.77 18.51
N PRO C 55 -6.64 17.86 18.99
CA PRO C 55 -6.99 18.21 20.38
C PRO C 55 -6.13 17.46 21.39
N SER C 56 -5.59 18.21 22.35
CA SER C 56 -4.64 17.68 23.32
C SER C 56 -5.22 16.61 24.25
N ARG C 57 -6.53 16.46 24.23
CA ARG C 57 -7.19 15.46 25.08
C ARG C 57 -6.90 14.04 24.59
N PHE C 58 -6.43 13.92 23.35
CA PHE C 58 -5.99 12.65 22.81
C PHE C 58 -4.55 12.38 23.21
N SER C 59 -4.26 11.14 23.58
CA SER C 59 -2.92 10.76 23.99
C SER C 59 -2.69 9.26 23.89
N GLY C 60 -1.44 8.85 23.77
CA GLY C 60 -1.09 7.45 23.68
C GLY C 60 0.16 7.10 24.46
N ARG C 61 0.13 5.97 25.16
CA ARG C 61 1.28 5.51 25.93
C ARG C 61 1.82 4.19 25.37
N ARG C 62 3.13 4.13 25.17
CA ARG C 62 3.75 2.96 24.58
C ARG C 62 4.73 2.28 25.55
N TRP C 63 4.58 0.97 25.71
CA TRP C 63 5.52 0.18 26.49
C TRP C 63 5.38 -1.30 26.13
N GLY C 64 6.51 -1.92 25.76
CA GLY C 64 6.49 -3.30 25.31
C GLY C 64 5.76 -3.41 23.99
N GLN C 65 4.83 -4.36 23.90
CA GLN C 65 4.03 -4.54 22.71
C GLN C 65 2.63 -4.01 22.95
N GLU C 66 2.39 -3.51 24.16
CA GLU C 66 1.09 -2.98 24.54
C GLU C 66 0.98 -1.49 24.19
N TYR C 67 -0.03 -1.14 23.41
CA TYR C 67 -0.24 0.25 22.99
C TYR C 67 -1.62 0.72 23.43
N ASN C 68 -1.66 1.85 24.14
CA ASN C 68 -2.93 2.44 24.56
C ASN C 68 -3.22 3.74 23.83
N LEU C 69 -4.51 3.99 23.58
CA LEU C 69 -4.96 5.29 23.11
C LEU C 69 -5.96 5.85 24.11
N THR C 70 -5.69 7.04 24.61
CA THR C 70 -6.52 7.62 25.66
C THR C 70 -7.12 8.97 25.26
N ILE C 71 -8.44 9.08 25.40
CA ILE C 71 -9.15 10.31 25.10
C ILE C 71 -9.80 10.88 26.36
N ASN C 72 -9.10 11.80 27.04
CA ASN C 72 -9.64 12.44 28.22
C ASN C 72 -10.77 13.40 27.89
N ASN C 73 -11.80 13.43 28.73
CA ASN C 73 -12.94 14.32 28.56
C ASN C 73 -13.56 14.23 27.16
N LEU C 74 -14.34 13.18 26.94
CA LEU C 74 -14.90 12.88 25.62
C LEU C 74 -15.80 14.00 25.10
N GLN C 75 -15.84 14.15 23.79
CA GLN C 75 -16.65 15.18 23.14
C GLN C 75 -17.53 14.57 22.06
N PRO C 76 -18.68 15.21 21.77
CA PRO C 76 -19.59 14.75 20.72
C PRO C 76 -18.92 14.62 19.35
N GLU C 77 -17.85 15.38 19.13
CA GLU C 77 -17.13 15.35 17.88
C GLU C 77 -16.16 14.17 17.83
N ASP C 78 -16.17 13.34 18.87
CA ASP C 78 -15.25 12.21 18.95
C ASP C 78 -15.95 10.88 18.72
N ILE C 79 -17.23 10.92 18.35
CA ILE C 79 -17.97 9.70 18.06
C ILE C 79 -17.67 9.19 16.65
N ALA C 80 -16.70 8.28 16.57
CA ALA C 80 -16.29 7.69 15.30
C ALA C 80 -15.52 6.41 15.57
N THR C 81 -15.22 5.67 14.52
CA THR C 81 -14.42 4.45 14.65
C THR C 81 -12.95 4.81 14.75
N TYR C 82 -12.22 4.09 15.61
CA TYR C 82 -10.79 4.30 15.78
C TYR C 82 -10.03 3.01 15.51
N PHE C 83 -9.14 3.06 14.53
CA PHE C 83 -8.33 1.88 14.21
C PHE C 83 -6.83 2.16 14.30
N CYS C 84 -6.09 1.17 14.79
CA CYS C 84 -4.65 1.27 14.89
C CYS C 84 -4.00 0.61 13.67
N GLN C 85 -2.84 1.11 13.26
CA GLN C 85 -2.20 0.63 12.04
C GLN C 85 -0.68 0.44 12.16
N VAL C 86 -0.21 -0.75 11.78
CA VAL C 86 1.22 -1.02 11.69
C VAL C 86 1.61 -1.33 10.26
N TYR C 87 2.43 -0.47 9.67
CA TYR C 87 2.90 -0.64 8.29
C TYR C 87 1.78 -0.89 7.30
N GLU C 88 1.80 -2.07 6.69
CA GLU C 88 0.85 -2.44 5.66
C GLU C 88 -0.47 -2.92 6.24
N PHE C 89 -0.46 -3.20 7.55
CA PHE C 89 -1.59 -3.87 8.20
C PHE C 89 -2.52 -2.93 8.95
N VAL C 90 -3.82 -3.07 8.72
CA VAL C 90 -4.82 -2.25 9.38
C VAL C 90 -5.92 -3.08 10.05
N VAL C 91 -6.08 -2.88 11.35
CA VAL C 91 -7.12 -3.53 12.13
C VAL C 91 -8.47 -2.85 11.88
N PRO C 92 -9.56 -3.63 11.78
CA PRO C 92 -10.92 -3.12 11.62
C PRO C 92 -11.26 -1.96 12.57
N GLY C 93 -10.80 -2.04 13.81
CA GLY C 93 -10.87 -0.91 14.72
C GLY C 93 -11.95 -0.98 15.79
N THR C 94 -12.02 0.08 16.59
CA THR C 94 -12.98 0.18 17.68
C THR C 94 -14.05 1.22 17.38
N ARG C 95 -15.30 0.79 17.35
CA ARG C 95 -16.42 1.71 17.10
C ARG C 95 -16.89 2.38 18.38
N LEU C 96 -16.79 3.70 18.43
CA LEU C 96 -17.22 4.45 19.61
C LEU C 96 -18.70 4.79 19.50
N ASP C 97 -19.47 4.38 20.50
CA ASP C 97 -20.92 4.53 20.48
C ASP C 97 -21.38 5.47 21.59
N LEU C 98 -22.38 6.29 21.28
CA LEU C 98 -22.98 7.16 22.29
C LEU C 98 -23.75 6.29 23.29
N LYS C 99 -23.29 6.30 24.54
CA LYS C 99 -23.80 5.37 25.55
C LYS C 99 -25.25 5.61 25.92
N ARG C 100 -26.00 4.52 26.03
CA ARG C 100 -27.41 4.56 26.42
C ARG C 100 -27.75 3.30 27.20
N THR C 101 -28.98 3.24 27.72
CA THR C 101 -29.43 2.07 28.45
C THR C 101 -29.65 0.90 27.49
N VAL C 102 -29.28 -0.30 27.94
CA VAL C 102 -29.44 -1.51 27.13
C VAL C 102 -30.91 -1.76 26.81
N ALA C 103 -31.23 -1.82 25.53
CA ALA C 103 -32.61 -1.97 25.09
C ALA C 103 -32.80 -3.15 24.12
N ALA C 104 -33.92 -3.84 24.26
CA ALA C 104 -34.24 -4.97 23.39
C ALA C 104 -34.86 -4.49 22.08
N PRO C 105 -34.53 -5.16 20.97
CA PRO C 105 -35.08 -4.77 19.66
C PRO C 105 -36.51 -5.27 19.47
N SER C 106 -37.33 -4.45 18.82
CA SER C 106 -38.69 -4.85 18.49
C SER C 106 -38.67 -5.64 17.18
N VAL C 107 -38.82 -6.96 17.29
CA VAL C 107 -38.66 -7.84 16.14
C VAL C 107 -39.94 -8.00 15.31
N PHE C 108 -39.82 -7.77 14.01
CA PHE C 108 -40.93 -7.96 13.08
C PHE C 108 -40.47 -8.79 11.89
N ILE C 109 -41.41 -9.47 11.25
CA ILE C 109 -41.10 -10.24 10.03
C ILE C 109 -42.19 -10.05 8.98
N PHE C 110 -41.79 -9.82 7.74
CA PHE C 110 -42.73 -9.55 6.66
C PHE C 110 -42.63 -10.59 5.55
N PRO C 111 -43.76 -11.25 5.24
CA PRO C 111 -43.84 -12.25 4.18
C PRO C 111 -43.71 -11.61 2.80
N PRO C 112 -43.07 -12.31 1.85
CA PRO C 112 -42.86 -11.82 0.48
C PRO C 112 -44.16 -11.41 -0.20
N SER C 113 -44.16 -10.26 -0.87
CA SER C 113 -45.33 -9.77 -1.58
C SER C 113 -45.69 -10.68 -2.76
N ASP C 114 -46.93 -10.58 -3.22
CA ASP C 114 -47.40 -11.38 -4.34
C ASP C 114 -46.77 -10.94 -5.66
N GLU C 115 -46.54 -9.64 -5.79
CA GLU C 115 -45.97 -9.08 -7.00
C GLU C 115 -44.54 -9.56 -7.24
N GLN C 116 -43.79 -9.74 -6.15
CA GLN C 116 -42.42 -10.20 -6.25
C GLN C 116 -42.39 -11.67 -6.66
N LEU C 117 -43.37 -12.43 -6.18
CA LEU C 117 -43.51 -13.84 -6.53
C LEU C 117 -43.75 -14.01 -8.02
N LYS C 118 -44.37 -13.01 -8.64
CA LYS C 118 -44.59 -13.00 -10.08
C LYS C 118 -43.27 -12.96 -10.83
N SER C 119 -42.31 -12.22 -10.28
CA SER C 119 -41.00 -12.06 -10.88
C SER C 119 -40.17 -13.36 -10.82
N GLY C 120 -40.50 -14.21 -9.86
CA GLY C 120 -39.79 -15.46 -9.68
C GLY C 120 -38.81 -15.40 -8.53
N THR C 121 -38.80 -14.26 -7.83
CA THR C 121 -37.93 -14.07 -6.68
C THR C 121 -38.77 -13.85 -5.41
N ALA C 122 -38.26 -14.31 -4.27
CA ALA C 122 -38.97 -14.14 -3.01
C ALA C 122 -38.06 -13.57 -1.93
N SER C 123 -38.50 -12.51 -1.28
CA SER C 123 -37.71 -11.86 -0.24
C SER C 123 -38.47 -11.74 1.07
N VAL C 124 -37.91 -12.29 2.14
CA VAL C 124 -38.48 -12.14 3.47
C VAL C 124 -37.66 -11.13 4.26
N VAL C 125 -38.34 -10.16 4.85
CA VAL C 125 -37.65 -9.09 5.57
C VAL C 125 -37.91 -9.13 7.07
N CYS C 126 -36.87 -9.44 7.84
CA CYS C 126 -36.96 -9.40 9.30
C CYS C 126 -36.53 -8.03 9.78
N LEU C 127 -37.29 -7.48 10.73
CA LEU C 127 -37.02 -6.12 11.20
C LEU C 127 -36.61 -6.07 12.68
N LEU C 128 -35.56 -5.31 12.96
CA LEU C 128 -35.12 -5.04 14.32
C LEU C 128 -35.16 -3.54 14.56
N ASN C 129 -36.23 -3.06 15.19
CA ASN C 129 -36.46 -1.62 15.33
C ASN C 129 -36.14 -1.08 16.72
N ASN C 130 -35.33 -0.02 16.74
CA ASN C 130 -34.99 0.70 17.97
C ASN C 130 -34.36 -0.17 19.05
N PHE C 131 -33.03 -0.24 19.06
CA PHE C 131 -32.31 -1.06 20.04
C PHE C 131 -30.92 -0.50 20.36
N TYR C 132 -30.33 -1.01 21.43
CA TYR C 132 -28.99 -0.64 21.84
C TYR C 132 -28.40 -1.75 22.71
N PRO C 133 -27.11 -2.09 22.50
CA PRO C 133 -26.17 -1.48 21.55
C PRO C 133 -26.35 -1.94 20.10
N ARG C 134 -25.32 -1.73 19.29
CA ARG C 134 -25.37 -2.03 17.87
C ARG C 134 -25.29 -3.53 17.59
N GLU C 135 -24.53 -4.24 18.43
CA GLU C 135 -24.27 -5.65 18.24
C GLU C 135 -25.55 -6.49 18.25
N ALA C 136 -25.81 -7.16 17.13
CA ALA C 136 -27.00 -8.00 17.00
C ALA C 136 -26.71 -9.20 16.10
N LYS C 137 -27.45 -10.28 16.31
CA LYS C 137 -27.27 -11.50 15.54
C LYS C 137 -28.59 -12.02 14.99
N VAL C 138 -28.72 -11.98 13.66
CA VAL C 138 -29.94 -12.42 12.99
C VAL C 138 -29.69 -13.63 12.12
N GLN C 139 -30.32 -14.76 12.48
CA GLN C 139 -30.16 -16.00 11.74
C GLN C 139 -31.47 -16.45 11.11
N TRP C 140 -31.43 -16.79 9.83
CA TRP C 140 -32.62 -17.24 9.11
C TRP C 140 -32.77 -18.75 9.18
N LYS C 141 -33.98 -19.19 9.52
CA LYS C 141 -34.28 -20.62 9.59
C LYS C 141 -35.49 -20.99 8.75
N VAL C 142 -35.29 -21.88 7.79
CA VAL C 142 -36.37 -22.39 6.95
C VAL C 142 -36.52 -23.90 7.17
N ASP C 143 -37.68 -24.30 7.69
CA ASP C 143 -37.93 -25.68 8.09
C ASP C 143 -36.87 -26.16 9.09
N ASN C 144 -36.65 -25.36 10.13
CA ASN C 144 -35.64 -25.64 11.16
C ASN C 144 -34.23 -25.82 10.59
N ALA C 145 -33.94 -25.13 9.49
CA ALA C 145 -32.62 -25.20 8.87
C ALA C 145 -32.04 -23.81 8.66
N LEU C 146 -30.86 -23.59 9.24
CA LEU C 146 -30.18 -22.31 9.14
C LEU C 146 -29.80 -21.96 7.71
N GLN C 147 -30.13 -20.74 7.29
CA GLN C 147 -29.78 -20.27 5.95
C GLN C 147 -28.48 -19.48 5.97
N SER C 148 -27.57 -19.81 5.06
CA SER C 148 -26.28 -19.15 5.00
C SER C 148 -25.84 -18.86 3.57
N GLY C 149 -25.59 -17.59 3.27
CA GLY C 149 -25.11 -17.19 1.97
C GLY C 149 -26.20 -16.66 1.05
N ASN C 150 -27.33 -16.28 1.63
CA ASN C 150 -28.44 -15.75 0.86
C ASN C 150 -29.27 -14.72 1.63
N SER C 151 -28.60 -13.92 2.44
CA SER C 151 -29.27 -12.89 3.23
C SER C 151 -28.37 -11.68 3.46
N GLN C 152 -28.92 -10.49 3.23
CA GLN C 152 -28.17 -9.24 3.42
C GLN C 152 -28.90 -8.34 4.41
N GLU C 153 -28.13 -7.69 5.28
CA GLU C 153 -28.73 -6.82 6.30
C GLU C 153 -28.10 -5.43 6.33
N SER C 154 -28.95 -4.42 6.46
CA SER C 154 -28.50 -3.04 6.53
C SER C 154 -28.87 -2.42 7.87
N VAL C 155 -27.95 -1.64 8.43
CA VAL C 155 -28.16 -1.01 9.74
C VAL C 155 -28.14 0.51 9.62
N THR C 156 -29.17 1.15 10.16
CA THR C 156 -29.23 2.61 10.17
C THR C 156 -28.25 3.18 11.18
N GLU C 157 -28.12 4.51 11.19
CA GLU C 157 -27.21 5.17 12.11
C GLU C 157 -27.88 5.46 13.44
N GLN C 158 -27.08 5.82 14.44
CA GLN C 158 -27.59 6.15 15.76
C GLN C 158 -28.39 7.45 15.69
N ASP C 159 -29.63 7.40 16.15
CA ASP C 159 -30.51 8.56 16.10
C ASP C 159 -30.05 9.62 17.09
N SER C 160 -30.33 10.89 16.78
CA SER C 160 -30.03 11.97 17.70
C SER C 160 -31.17 12.14 18.69
N LYS C 161 -32.26 11.43 18.43
CA LYS C 161 -33.44 11.49 19.29
C LYS C 161 -33.35 10.47 20.41
N ASP C 162 -33.43 9.20 20.05
CA ASP C 162 -33.47 8.12 21.04
C ASP C 162 -32.14 7.38 21.18
N SER C 163 -31.17 7.73 20.34
CA SER C 163 -29.84 7.11 20.37
C SER C 163 -29.88 5.59 20.21
N THR C 164 -30.73 5.10 19.33
CA THR C 164 -30.84 3.67 19.07
C THR C 164 -30.52 3.36 17.62
N TYR C 165 -30.62 2.08 17.25
CA TYR C 165 -30.35 1.65 15.89
C TYR C 165 -31.51 0.85 15.32
N SER C 166 -31.44 0.55 14.03
CA SER C 166 -32.44 -0.29 13.37
C SER C 166 -31.76 -1.23 12.37
N LEU C 167 -32.22 -2.48 12.33
CA LEU C 167 -31.63 -3.48 11.46
C LEU C 167 -32.71 -4.17 10.60
N SER C 168 -32.45 -4.28 9.31
CA SER C 168 -33.37 -4.95 8.40
C SER C 168 -32.66 -6.01 7.57
N SER C 169 -32.81 -7.27 7.97
CA SER C 169 -32.24 -8.38 7.21
C SER C 169 -33.20 -8.83 6.12
N THR C 170 -32.65 -9.36 5.03
CA THR C 170 -33.46 -9.78 3.90
C THR C 170 -33.00 -11.11 3.30
N LEU C 171 -33.82 -12.15 3.50
CA LEU C 171 -33.53 -13.46 2.92
C LEU C 171 -33.95 -13.49 1.45
N THR C 172 -32.99 -13.75 0.57
CA THR C 172 -33.24 -13.76 -0.86
C THR C 172 -33.12 -15.15 -1.47
N LEU C 173 -34.20 -15.62 -2.08
CA LEU C 173 -34.21 -16.91 -2.75
C LEU C 173 -35.25 -16.97 -3.86
N SER C 174 -35.15 -17.99 -4.71
CA SER C 174 -36.04 -18.12 -5.86
C SER C 174 -37.45 -18.55 -5.47
N LYS C 175 -38.41 -18.21 -6.32
CA LYS C 175 -39.79 -18.66 -6.17
C LYS C 175 -39.86 -20.18 -6.21
N ALA C 176 -39.00 -20.78 -7.02
CA ALA C 176 -38.88 -22.23 -7.10
C ALA C 176 -38.46 -22.80 -5.75
N ASP C 177 -37.53 -22.12 -5.09
CA ASP C 177 -37.04 -22.55 -3.80
C ASP C 177 -37.96 -22.09 -2.67
N TYR C 178 -38.73 -21.04 -2.94
CA TYR C 178 -39.69 -20.54 -1.96
C TYR C 178 -40.89 -21.47 -1.88
N GLU C 179 -41.21 -22.12 -2.99
CA GLU C 179 -42.35 -23.04 -3.05
C GLU C 179 -41.93 -24.49 -2.89
N LYS C 180 -41.05 -24.73 -1.92
CA LYS C 180 -40.64 -26.09 -1.56
C LYS C 180 -40.63 -26.24 -0.05
N HIS C 181 -40.90 -25.14 0.65
CA HIS C 181 -40.89 -25.13 2.11
C HIS C 181 -42.15 -24.47 2.65
N LYS C 182 -42.30 -24.46 3.97
CA LYS C 182 -43.50 -23.93 4.59
C LYS C 182 -43.22 -22.86 5.64
N VAL C 183 -42.53 -23.23 6.71
CA VAL C 183 -42.27 -22.31 7.81
C VAL C 183 -40.99 -21.48 7.63
N TYR C 184 -41.13 -20.17 7.65
CA TYR C 184 -40.01 -19.26 7.56
C TYR C 184 -39.80 -18.51 8.87
N ALA C 185 -38.70 -18.79 9.56
CA ALA C 185 -38.44 -18.20 10.87
C ALA C 185 -37.44 -17.05 10.82
N CYS C 186 -37.17 -16.47 11.98
CA CYS C 186 -36.23 -15.36 12.08
C CYS C 186 -35.70 -15.23 13.51
N GLU C 187 -34.55 -15.85 13.77
CA GLU C 187 -33.96 -15.83 15.11
C GLU C 187 -33.11 -14.57 15.33
N VAL C 188 -33.31 -13.94 16.48
CA VAL C 188 -32.59 -12.70 16.80
C VAL C 188 -31.95 -12.76 18.18
N THR C 189 -30.66 -12.43 18.24
CA THR C 189 -29.94 -12.42 19.50
C THR C 189 -29.45 -11.01 19.83
N HIS C 190 -29.56 -10.62 21.10
CA HIS C 190 -29.09 -9.32 21.55
C HIS C 190 -28.77 -9.36 23.04
N GLN C 191 -27.91 -8.44 23.49
CA GLN C 191 -27.52 -8.37 24.89
C GLN C 191 -28.72 -8.01 25.78
N GLY C 192 -29.71 -7.35 25.19
CA GLY C 192 -30.89 -6.94 25.92
C GLY C 192 -32.00 -7.98 25.87
N LEU C 193 -31.63 -9.23 25.67
CA LEU C 193 -32.60 -10.32 25.62
C LEU C 193 -32.22 -11.47 26.54
N SER C 194 -33.22 -12.03 27.22
CA SER C 194 -33.01 -13.15 28.12
C SER C 194 -32.61 -14.39 27.33
N SER C 195 -33.17 -14.52 26.13
CA SER C 195 -32.88 -15.64 25.25
C SER C 195 -33.16 -15.22 23.82
N PRO C 196 -32.57 -15.93 22.84
CA PRO C 196 -32.85 -15.67 21.42
C PRO C 196 -34.34 -15.70 21.10
N VAL C 197 -34.80 -14.71 20.34
CA VAL C 197 -36.22 -14.59 20.03
C VAL C 197 -36.49 -14.92 18.56
N THR C 198 -37.54 -15.70 18.31
CA THR C 198 -37.88 -16.12 16.96
C THR C 198 -39.25 -15.58 16.52
N LYS C 199 -39.30 -15.02 15.32
CA LYS C 199 -40.55 -14.56 14.72
C LYS C 199 -40.76 -15.24 13.38
N SER C 200 -41.76 -16.12 13.30
CA SER C 200 -41.98 -16.90 12.10
C SER C 200 -43.37 -16.73 11.51
N PHE C 201 -43.59 -17.31 10.34
CA PHE C 201 -44.90 -17.30 9.69
C PHE C 201 -45.02 -18.47 8.72
N ASN C 202 -46.24 -18.77 8.30
CA ASN C 202 -46.48 -19.83 7.33
C ASN C 202 -47.22 -19.31 6.10
N ARG C 203 -47.36 -20.15 5.09
CA ARG C 203 -48.04 -19.77 3.86
C ARG C 203 -49.48 -20.28 3.84
#